data_7Y8W
#
_entry.id   7Y8W
#
_cell.length_a   40.274
_cell.length_b   163.515
_cell.length_c   229.132
_cell.angle_alpha   90.000
_cell.angle_beta   90.460
_cell.angle_gamma   90.000
#
_symmetry.space_group_name_H-M   'C 1 2 1'
#
loop_
_entity.id
_entity.type
_entity.pdbx_description
1 polymer 'Dynein light chain 1, cytoplasmic'
2 polymer 'Isoform b of Suppressor of aph-1'
3 non-polymer GLYCEROL
4 water water
#
loop_
_entity_poly.entity_id
_entity_poly.type
_entity_poly.pdbx_seq_one_letter_code
_entity_poly.pdbx_strand_id
1 'polypeptide(L)'
;GPGSEFMVDRKAVIKNADMSDDMQQDAIDCATQALEKYNIEKDIAAYIKKEFDKKYNPTWHCIVGRNFGSYVTHETKHFI
YFYLGQVAILLFKSG
;
A,B,C,D,G,H,I,J,M,N,Q,R
2 'polypeptide(L)' GPGSEFMQHANVATDQVVMKSVECQTEPVE E,F,K,L,O,P,S,T
#
loop_
_chem_comp.id
_chem_comp.type
_chem_comp.name
_chem_comp.formula
GOL non-polymer GLYCEROL 'C3 H8 O3'
#
# COMPACT_ATOMS: atom_id res chain seq x y z
N LYS A 11 -49.67 20.09 -3.11
CA LYS A 11 -48.95 19.66 -1.92
C LYS A 11 -47.45 19.59 -2.20
N ALA A 12 -46.67 20.30 -1.39
CA ALA A 12 -45.23 20.34 -1.55
C ALA A 12 -44.51 19.20 -0.84
N VAL A 13 -43.70 18.47 -1.58
CA VAL A 13 -42.91 17.37 -1.03
C VAL A 13 -41.45 17.52 -1.45
N ILE A 14 -40.59 17.83 -0.50
CA ILE A 14 -39.17 18.02 -0.78
C ILE A 14 -38.40 16.71 -0.73
N LYS A 15 -37.86 16.30 -1.87
CA LYS A 15 -37.12 15.06 -1.97
C LYS A 15 -35.68 15.24 -1.51
N ASN A 16 -35.04 16.30 -1.99
CA ASN A 16 -33.66 16.59 -1.61
C ASN A 16 -33.42 18.11 -1.64
N ALA A 17 -32.63 18.61 -0.69
CA ALA A 17 -32.42 20.05 -0.61
C ALA A 17 -31.11 20.45 0.07
N ASP A 18 -30.40 21.37 -0.57
CA ASP A 18 -29.26 22.08 0.02
C ASP A 18 -29.52 23.57 -0.10
N MET A 19 -30.27 24.13 0.84
CA MET A 19 -30.77 25.49 0.69
C MET A 19 -31.33 26.02 2.01
N SER A 20 -31.31 27.34 2.19
CA SER A 20 -31.85 27.94 3.41
C SER A 20 -33.38 27.79 3.44
N ASP A 21 -33.95 27.75 4.63
CA ASP A 21 -35.38 27.56 4.82
C ASP A 21 -36.19 28.67 4.16
N ASP A 22 -35.69 29.90 4.22
CA ASP A 22 -36.36 31.03 3.59
C ASP A 22 -36.39 30.86 2.07
N MET A 23 -35.24 30.50 1.50
CA MET A 23 -35.14 30.26 0.06
C MET A 23 -36.01 29.09 -0.39
N GLN A 24 -36.03 28.02 0.41
CA GLN A 24 -36.85 26.85 0.10
C GLN A 24 -38.32 27.21 0.01
N GLN A 25 -38.81 27.94 1.00
CA GLN A 25 -40.19 28.36 1.03
C GLN A 25 -40.48 29.30 -0.13
N ASP A 26 -39.51 30.15 -0.44
CA ASP A 26 -39.65 31.09 -1.53
C ASP A 26 -39.67 30.34 -2.86
N ALA A 27 -38.91 29.25 -2.93
CA ALA A 27 -38.88 28.41 -4.12
C ALA A 27 -40.23 27.74 -4.37
N ILE A 28 -40.83 27.23 -3.30
CA ILE A 28 -42.13 26.57 -3.38
C ILE A 28 -43.24 27.56 -3.78
N ASP A 29 -43.25 28.73 -3.14
CA ASP A 29 -44.23 29.77 -3.45
C ASP A 29 -44.12 30.18 -4.91
N CYS A 30 -42.89 30.46 -5.33
CA CYS A 30 -42.60 30.86 -6.70
C CYS A 30 -43.05 29.79 -7.70
N ALA A 31 -42.83 28.53 -7.33
CA ALA A 31 -43.25 27.41 -8.17
C ALA A 31 -44.76 27.26 -8.16
N THR A 32 -45.37 27.54 -7.02
CA THR A 32 -46.82 27.49 -6.89
C THR A 32 -47.50 28.49 -7.81
N GLN A 33 -46.94 29.70 -7.86
CA GLN A 33 -47.44 30.74 -8.76
C GLN A 33 -47.32 30.32 -10.21
N ALA A 34 -46.17 29.72 -10.54
CA ALA A 34 -45.88 29.30 -11.91
C ALA A 34 -46.89 28.27 -12.43
N LEU A 35 -47.20 27.27 -11.60
CA LEU A 35 -48.14 26.22 -12.01
C LEU A 35 -49.56 26.77 -12.19
N GLU A 36 -49.91 27.79 -11.43
CA GLU A 36 -51.23 28.39 -11.54
C GLU A 36 -51.35 29.21 -12.83
N LYS A 37 -50.23 29.77 -13.27
CA LYS A 37 -50.22 30.66 -14.43
C LYS A 37 -49.96 29.95 -15.75
N TYR A 38 -49.08 28.94 -15.76
CA TYR A 38 -48.67 28.30 -17.01
C TYR A 38 -49.05 26.82 -17.08
N ASN A 39 -49.19 26.29 -18.30
CA ASN A 39 -49.49 24.88 -18.51
C ASN A 39 -48.32 24.11 -19.08
N ILE A 40 -47.46 24.82 -19.81
CA ILE A 40 -46.30 24.21 -20.43
C ILE A 40 -45.13 24.23 -19.46
N GLU A 41 -44.50 23.07 -19.26
CA GLU A 41 -43.42 22.93 -18.29
C GLU A 41 -42.25 23.89 -18.51
N LYS A 42 -41.89 24.11 -19.78
CA LYS A 42 -40.78 25.01 -20.09
C LYS A 42 -41.08 26.44 -19.62
N ASP A 43 -42.34 26.85 -19.69
CA ASP A 43 -42.73 28.18 -19.24
C ASP A 43 -42.71 28.24 -17.72
N ILE A 44 -43.14 27.16 -17.08
CA ILE A 44 -43.10 27.04 -15.63
C ILE A 44 -41.67 27.17 -15.13
N ALA A 45 -40.75 26.49 -15.82
CA ALA A 45 -39.33 26.53 -15.49
C ALA A 45 -38.74 27.91 -15.73
N ALA A 46 -39.17 28.55 -16.82
CA ALA A 46 -38.69 29.87 -17.17
C ALA A 46 -39.04 30.89 -16.09
N TYR A 47 -40.28 30.84 -15.62
CA TYR A 47 -40.75 31.73 -14.57
C TYR A 47 -39.92 31.58 -13.31
N ILE A 48 -39.74 30.34 -12.86
CA ILE A 48 -38.99 30.06 -11.63
C ILE A 48 -37.53 30.51 -11.75
N LYS A 49 -36.90 30.18 -12.88
CA LYS A 49 -35.51 30.56 -13.11
C LYS A 49 -35.33 32.07 -13.08
N LYS A 50 -36.15 32.76 -13.86
CA LYS A 50 -36.06 34.22 -13.97
C LYS A 50 -36.26 34.90 -12.62
N GLU A 51 -37.20 34.39 -11.84
CA GLU A 51 -37.48 34.96 -10.53
C GLU A 51 -36.29 34.80 -9.58
N PHE A 52 -35.65 33.64 -9.61
CA PHE A 52 -34.53 33.37 -8.71
C PHE A 52 -33.26 34.08 -9.16
N ASP A 53 -33.14 34.33 -10.46
CA ASP A 53 -32.05 35.14 -10.98
C ASP A 53 -32.13 36.58 -10.49
N LYS A 54 -33.36 37.11 -10.45
CA LYS A 54 -33.57 38.46 -9.94
C LYS A 54 -33.44 38.54 -8.42
N LYS A 55 -34.08 37.62 -7.72
CA LYS A 55 -34.10 37.62 -6.26
C LYS A 55 -32.77 37.22 -5.63
N TYR A 56 -32.18 36.13 -6.13
CA TYR A 56 -31.02 35.53 -5.49
C TYR A 56 -29.80 35.44 -6.40
N ASN A 57 -29.70 36.39 -7.32
CA ASN A 57 -28.56 36.55 -8.22
C ASN A 57 -28.43 35.42 -9.23
N PRO A 58 -27.91 35.72 -10.42
CA PRO A 58 -27.56 34.69 -11.41
C PRO A 58 -26.44 33.80 -10.87
N THR A 59 -26.29 32.57 -11.38
CA THR A 59 -27.10 32.04 -12.48
C THR A 59 -27.84 30.78 -12.06
N TRP A 60 -29.16 30.80 -12.20
CA TRP A 60 -30.00 29.66 -11.81
C TRP A 60 -30.45 28.86 -13.02
N HIS A 61 -30.83 27.61 -12.78
CA HIS A 61 -31.31 26.72 -13.82
C HIS A 61 -32.48 25.93 -13.25
N CYS A 62 -33.50 25.67 -14.07
CA CYS A 62 -34.68 25.01 -13.57
C CYS A 62 -35.21 23.95 -14.54
N ILE A 63 -35.55 22.79 -13.99
CA ILE A 63 -36.13 21.70 -14.75
C ILE A 63 -37.49 21.36 -14.16
N VAL A 64 -38.49 21.25 -15.02
CA VAL A 64 -39.85 20.94 -14.58
C VAL A 64 -40.41 19.78 -15.39
N GLY A 65 -40.86 18.74 -14.72
CA GLY A 65 -41.40 17.58 -15.44
C GLY A 65 -41.79 16.42 -14.55
N ARG A 66 -42.33 15.38 -15.19
CA ARG A 66 -42.78 14.18 -14.48
C ARG A 66 -41.85 12.99 -14.68
N ASN A 67 -41.05 13.02 -15.74
CA ASN A 67 -40.13 11.92 -15.99
C ASN A 67 -38.77 12.39 -16.51
N PHE A 68 -37.81 12.48 -15.60
CA PHE A 68 -36.45 12.78 -15.99
C PHE A 68 -35.45 12.37 -14.90
N GLY A 69 -34.21 12.18 -15.30
CA GLY A 69 -33.14 11.93 -14.35
C GLY A 69 -32.06 12.94 -14.65
N SER A 70 -31.27 13.31 -13.65
CA SER A 70 -30.32 14.39 -13.86
C SER A 70 -29.05 14.23 -13.04
N TYR A 71 -27.98 14.83 -13.53
CA TYR A 71 -26.75 14.96 -12.77
C TYR A 71 -26.20 16.36 -13.02
N VAL A 72 -26.26 17.20 -11.99
CA VAL A 72 -25.88 18.59 -12.13
C VAL A 72 -24.92 19.00 -11.02
N THR A 73 -24.23 20.11 -11.23
CA THR A 73 -23.35 20.67 -10.22
C THR A 73 -23.87 22.03 -9.77
N HIS A 74 -23.98 22.22 -8.47
CA HIS A 74 -24.56 23.45 -7.95
C HIS A 74 -23.64 24.06 -6.89
N GLU A 75 -23.77 25.36 -6.69
CA GLU A 75 -23.09 26.01 -5.59
C GLU A 75 -23.74 25.54 -4.29
N THR A 76 -22.97 25.44 -3.22
CA THR A 76 -23.50 24.99 -1.94
C THR A 76 -24.57 25.94 -1.43
N LYS A 77 -25.58 25.38 -0.76
CA LYS A 77 -26.71 26.14 -0.22
C LYS A 77 -27.54 26.82 -1.30
N HIS A 78 -27.50 26.28 -2.51
CA HIS A 78 -28.28 26.81 -3.63
C HIS A 78 -28.78 25.67 -4.50
N PHE A 79 -29.48 24.73 -3.88
CA PHE A 79 -30.04 23.57 -4.57
C PHE A 79 -31.32 23.09 -3.91
N ILE A 80 -32.33 22.82 -4.71
CA ILE A 80 -33.55 22.22 -4.19
C ILE A 80 -34.18 21.30 -5.22
N TYR A 81 -34.73 20.18 -4.77
CA TYR A 81 -35.44 19.25 -5.64
C TYR A 81 -36.70 18.79 -4.94
N PHE A 82 -37.86 19.08 -5.53
CA PHE A 82 -39.13 18.82 -4.86
C PHE A 82 -40.28 18.60 -5.82
N TYR A 83 -41.38 18.07 -5.30
CA TYR A 83 -42.60 17.92 -6.07
C TYR A 83 -43.66 18.93 -5.65
N LEU A 84 -44.42 19.39 -6.63
CA LEU A 84 -45.67 20.10 -6.37
C LEU A 84 -46.75 19.26 -7.02
N GLY A 85 -47.41 18.45 -6.19
CA GLY A 85 -48.33 17.45 -6.69
C GLY A 85 -47.56 16.35 -7.39
N GLN A 86 -47.88 16.13 -8.67
CA GLN A 86 -47.22 15.07 -9.43
C GLN A 86 -46.11 15.60 -10.34
N VAL A 87 -45.76 16.87 -10.16
CA VAL A 87 -44.78 17.52 -11.01
C VAL A 87 -43.48 17.71 -10.25
N ALA A 88 -42.36 17.30 -10.84
CA ALA A 88 -41.06 17.43 -10.19
C ALA A 88 -40.36 18.71 -10.61
N ILE A 89 -39.72 19.37 -9.66
CA ILE A 89 -39.04 20.63 -9.96
C ILE A 89 -37.61 20.61 -9.42
N LEU A 90 -36.66 20.80 -10.32
CA LEU A 90 -35.25 20.88 -9.96
C LEU A 90 -34.79 22.31 -10.18
N LEU A 91 -34.24 22.92 -9.14
CA LEU A 91 -33.81 24.31 -9.21
C LEU A 91 -32.46 24.45 -8.54
N PHE A 92 -31.48 24.98 -9.27
CA PHE A 92 -30.14 25.09 -8.72
C PHE A 92 -29.35 26.23 -9.36
N LYS A 93 -28.31 26.67 -8.65
CA LYS A 93 -27.47 27.78 -9.08
C LYS A 93 -26.08 27.30 -9.43
N SER A 94 -25.59 27.68 -10.61
CA SER A 94 -24.26 27.27 -11.04
C SER A 94 -23.69 28.31 -12.00
N GLY A 95 -22.74 29.09 -11.50
CA GLY A 95 -22.20 30.22 -12.25
C GLY A 95 -22.86 31.51 -11.78
N ARG B 10 -32.92 3.73 -32.09
CA ARG B 10 -31.61 4.30 -31.76
C ARG B 10 -31.26 5.46 -32.67
N LYS B 11 -32.29 6.18 -33.12
CA LYS B 11 -32.12 7.29 -34.05
C LYS B 11 -31.84 8.59 -33.30
N ALA B 12 -30.75 9.25 -33.66
CA ALA B 12 -30.38 10.51 -33.02
C ALA B 12 -31.09 11.67 -33.71
N VAL B 13 -31.80 12.48 -32.93
CA VAL B 13 -32.51 13.63 -33.46
C VAL B 13 -32.16 14.87 -32.65
N ILE B 14 -31.44 15.80 -33.27
CA ILE B 14 -31.04 17.04 -32.60
C ILE B 14 -32.13 18.09 -32.75
N LYS B 15 -32.73 18.46 -31.62
CA LYS B 15 -33.82 19.44 -31.63
C LYS B 15 -33.29 20.87 -31.63
N ASN B 16 -32.33 21.13 -30.75
CA ASN B 16 -31.73 22.45 -30.66
C ASN B 16 -30.27 22.34 -30.23
N ALA B 17 -29.41 23.19 -30.78
CA ALA B 17 -27.98 23.09 -30.46
C ALA B 17 -27.22 24.39 -30.66
N ASP B 18 -26.41 24.72 -29.66
CA ASP B 18 -25.39 25.76 -29.77
C ASP B 18 -24.07 25.12 -29.38
N MET B 19 -23.44 24.46 -30.35
CA MET B 19 -22.29 23.60 -30.07
C MET B 19 -21.59 23.24 -31.37
N SER B 20 -20.29 22.96 -31.31
CA SER B 20 -19.54 22.58 -32.50
C SER B 20 -19.99 21.20 -32.95
N ASP B 21 -19.87 20.94 -34.26
CA ASP B 21 -20.32 19.68 -34.84
C ASP B 21 -19.60 18.48 -34.23
N ASP B 22 -18.29 18.64 -33.98
CA ASP B 22 -17.50 17.58 -33.38
C ASP B 22 -17.98 17.29 -31.96
N MET B 23 -18.21 18.35 -31.19
CA MET B 23 -18.74 18.20 -29.83
C MET B 23 -20.13 17.59 -29.86
N GLN B 24 -20.95 18.04 -30.80
CA GLN B 24 -22.31 17.52 -30.96
C GLN B 24 -22.27 16.03 -31.26
N GLN B 25 -21.41 15.66 -32.19
CA GLN B 25 -21.24 14.26 -32.55
C GLN B 25 -20.71 13.47 -31.36
N ASP B 26 -19.82 14.10 -30.60
CA ASP B 26 -19.26 13.48 -29.40
C ASP B 26 -20.32 13.29 -28.33
N ALA B 27 -21.26 14.23 -28.27
CA ALA B 27 -22.38 14.16 -27.32
C ALA B 27 -23.28 12.97 -27.63
N ILE B 28 -23.56 12.76 -28.91
CA ILE B 28 -24.38 11.64 -29.35
C ILE B 28 -23.71 10.30 -29.07
N ASP B 29 -22.42 10.23 -29.39
CA ASP B 29 -21.63 9.00 -29.16
C ASP B 29 -21.59 8.66 -27.67
N CYS B 30 -21.28 9.66 -26.85
CA CYS B 30 -21.22 9.49 -25.40
C CYS B 30 -22.55 9.03 -24.83
N ALA B 31 -23.64 9.60 -25.34
CA ALA B 31 -24.97 9.22 -24.87
C ALA B 31 -25.33 7.80 -25.33
N THR B 32 -24.88 7.44 -26.53
CA THR B 32 -25.13 6.11 -27.07
C THR B 32 -24.48 5.07 -26.16
N GLN B 33 -23.27 5.36 -25.71
CA GLN B 33 -22.56 4.51 -24.76
C GLN B 33 -23.30 4.45 -23.43
N ALA B 34 -23.80 5.61 -22.99
CA ALA B 34 -24.52 5.70 -21.73
C ALA B 34 -25.77 4.82 -21.70
N LEU B 35 -26.54 4.86 -22.79
CA LEU B 35 -27.76 4.07 -22.88
C LEU B 35 -27.46 2.58 -22.93
N GLU B 36 -26.31 2.24 -23.53
CA GLU B 36 -25.92 0.85 -23.63
C GLU B 36 -25.48 0.30 -22.28
N LYS B 37 -24.94 1.17 -21.45
CA LYS B 37 -24.43 0.76 -20.14
C LYS B 37 -25.46 0.83 -19.02
N TYR B 38 -26.28 1.89 -19.02
CA TYR B 38 -27.21 2.13 -17.92
C TYR B 38 -28.66 2.20 -18.39
N ASN B 39 -29.59 1.91 -17.48
CA ASN B 39 -31.01 1.99 -17.80
C ASN B 39 -31.73 3.07 -17.00
N ILE B 40 -31.17 3.44 -15.85
CA ILE B 40 -31.75 4.49 -15.03
C ILE B 40 -31.29 5.84 -15.55
N GLU B 41 -32.26 6.74 -15.73
CA GLU B 41 -32.03 8.05 -16.32
C GLU B 41 -30.98 8.89 -15.58
N LYS B 42 -30.98 8.86 -14.26
CA LYS B 42 -29.98 9.60 -13.48
C LYS B 42 -28.57 9.07 -13.76
N ASP B 43 -28.45 7.76 -13.97
CA ASP B 43 -27.15 7.14 -14.24
C ASP B 43 -26.68 7.48 -15.64
N ILE B 44 -27.60 7.50 -16.59
CA ILE B 44 -27.30 7.90 -17.95
C ILE B 44 -26.77 9.32 -17.99
N ALA B 45 -27.44 10.21 -17.25
CA ALA B 45 -27.05 11.62 -17.19
C ALA B 45 -25.70 11.79 -16.50
N ALA B 46 -25.46 11.02 -15.44
CA ALA B 46 -24.21 11.10 -14.69
C ALA B 46 -23.02 10.73 -15.57
N TYR B 47 -23.19 9.65 -16.34
CA TYR B 47 -22.14 9.18 -17.23
C TYR B 47 -21.77 10.26 -18.24
N ILE B 48 -22.77 10.84 -18.88
CA ILE B 48 -22.56 11.87 -19.89
C ILE B 48 -21.89 13.11 -19.30
N LYS B 49 -22.40 13.56 -18.14
CA LYS B 49 -21.85 14.74 -17.46
C LYS B 49 -20.38 14.53 -17.10
N LYS B 50 -20.10 13.42 -16.42
CA LYS B 50 -18.75 13.13 -15.95
C LYS B 50 -17.77 13.07 -17.13
N GLU B 51 -18.22 12.46 -18.21
CA GLU B 51 -17.39 12.31 -19.39
C GLU B 51 -17.08 13.68 -20.03
N PHE B 52 -18.08 14.55 -20.06
CA PHE B 52 -17.89 15.88 -20.66
C PHE B 52 -17.11 16.82 -19.75
N ASP B 53 -17.21 16.60 -18.45
CA ASP B 53 -16.37 17.34 -17.51
C ASP B 53 -14.89 16.99 -17.72
N LYS B 54 -14.62 15.71 -18.01
CA LYS B 54 -13.25 15.27 -18.28
C LYS B 54 -12.71 15.76 -19.62
N LYS B 55 -13.50 15.56 -20.67
CA LYS B 55 -13.04 15.90 -22.02
C LYS B 55 -12.95 17.40 -22.25
N TYR B 56 -13.99 18.13 -21.84
CA TYR B 56 -14.10 19.54 -22.19
C TYR B 56 -14.20 20.46 -20.98
N ASN B 57 -13.59 20.06 -19.86
CA ASN B 57 -13.55 20.85 -18.64
C ASN B 57 -14.93 21.03 -17.98
N PRO B 58 -14.95 21.16 -16.64
CA PRO B 58 -16.16 21.52 -15.90
C PRO B 58 -16.62 22.92 -16.31
N THR B 59 -17.89 23.28 -16.10
CA THR B 59 -18.86 22.45 -15.40
C THR B 59 -20.08 22.14 -16.26
N TRP B 60 -20.35 20.86 -16.47
CA TRP B 60 -21.47 20.43 -17.30
C TRP B 60 -22.64 19.95 -16.46
N HIS B 61 -23.81 19.94 -17.09
CA HIS B 61 -25.03 19.47 -16.46
C HIS B 61 -25.81 18.67 -17.48
N CYS B 62 -26.43 17.59 -17.05
CA CYS B 62 -27.13 16.75 -18.00
C CYS B 62 -28.49 16.32 -17.48
N ILE B 63 -29.48 16.42 -18.35
CA ILE B 63 -30.84 16.01 -18.02
C ILE B 63 -31.27 14.94 -19.00
N VAL B 64 -31.79 13.83 -18.47
CA VAL B 64 -32.22 12.72 -19.30
C VAL B 64 -33.62 12.31 -18.90
N GLY B 65 -34.53 12.27 -19.86
CA GLY B 65 -35.91 11.93 -19.56
C GLY B 65 -36.88 11.93 -20.72
N ARG B 66 -38.12 11.59 -20.43
CA ARG B 66 -39.15 11.45 -21.46
C ARG B 66 -40.16 12.59 -21.37
N ASN B 67 -40.24 13.20 -20.19
CA ASN B 67 -41.16 14.31 -19.96
C ASN B 67 -40.59 15.39 -19.05
N PHE B 68 -40.08 16.46 -19.65
CA PHE B 68 -39.64 17.60 -18.87
C PHE B 68 -39.55 18.84 -19.75
N GLY B 69 -39.61 20.00 -19.10
CA GLY B 69 -39.38 21.26 -19.76
C GLY B 69 -38.33 21.95 -18.96
N SER B 70 -37.56 22.84 -19.58
CA SER B 70 -36.42 23.43 -18.88
C SER B 70 -36.11 24.84 -19.32
N TYR B 71 -35.50 25.59 -18.42
CA TYR B 71 -34.96 26.89 -18.76
C TYR B 71 -33.61 27.05 -18.06
N VAL B 72 -32.55 27.00 -18.85
CA VAL B 72 -31.20 27.00 -18.32
C VAL B 72 -30.34 28.05 -19.02
N THR B 73 -29.22 28.39 -18.39
CA THR B 73 -28.26 29.30 -18.98
C THR B 73 -26.94 28.59 -19.22
N HIS B 74 -26.42 28.71 -20.44
CA HIS B 74 -25.21 27.99 -20.82
C HIS B 74 -24.17 28.93 -21.41
N GLU B 75 -22.91 28.51 -21.34
CA GLU B 75 -21.84 29.22 -22.03
C GLU B 75 -22.04 29.05 -23.53
N THR B 76 -21.62 30.05 -24.30
CA THR B 76 -21.77 30.00 -25.75
C THR B 76 -21.04 28.80 -26.32
N LYS B 77 -21.63 28.19 -27.36
CA LYS B 77 -21.06 27.03 -28.03
C LYS B 77 -20.92 25.81 -27.10
N HIS B 78 -21.76 25.73 -26.08
CA HIS B 78 -21.72 24.60 -25.15
C HIS B 78 -23.12 24.16 -24.71
N PHE B 79 -23.96 23.87 -25.69
CA PHE B 79 -25.34 23.46 -25.43
C PHE B 79 -25.86 22.53 -26.52
N ILE B 80 -26.50 21.45 -26.09
CA ILE B 80 -27.16 20.57 -27.04
C ILE B 80 -28.41 19.95 -26.40
N TYR B 81 -29.46 19.84 -27.20
CA TYR B 81 -30.68 19.19 -26.75
C TYR B 81 -31.16 18.29 -27.88
N PHE B 82 -31.22 16.99 -27.60
CA PHE B 82 -31.49 16.02 -28.65
C PHE B 82 -32.15 14.75 -28.12
N TYR B 83 -32.70 13.95 -29.02
CA TYR B 83 -33.24 12.65 -28.67
C TYR B 83 -32.37 11.50 -29.15
N LEU B 84 -32.29 10.45 -28.35
CA LEU B 84 -31.76 9.16 -28.79
C LEU B 84 -32.88 8.15 -28.68
N GLY B 85 -33.53 7.89 -29.82
CA GLY B 85 -34.73 7.09 -29.83
C GLY B 85 -35.85 7.88 -29.18
N GLN B 86 -36.41 7.34 -28.11
CA GLN B 86 -37.54 7.97 -27.45
C GLN B 86 -37.13 8.77 -26.20
N VAL B 87 -35.82 8.90 -25.99
CA VAL B 87 -35.31 9.55 -24.79
C VAL B 87 -34.71 10.92 -25.10
N ALA B 88 -35.09 11.93 -24.33
CA ALA B 88 -34.57 13.28 -24.52
C ALA B 88 -33.37 13.54 -23.62
N ILE B 89 -32.37 14.20 -24.18
CA ILE B 89 -31.14 14.48 -23.44
C ILE B 89 -30.76 15.94 -23.56
N LEU B 90 -30.62 16.59 -22.40
CA LEU B 90 -30.19 17.98 -22.34
C LEU B 90 -28.80 18.03 -21.72
N LEU B 91 -27.87 18.65 -22.42
CA LEU B 91 -26.49 18.74 -21.95
C LEU B 91 -25.93 20.13 -22.21
N PHE B 92 -25.44 20.78 -21.15
CA PHE B 92 -24.92 22.13 -21.29
C PHE B 92 -23.87 22.45 -20.23
N LYS B 93 -23.07 23.48 -20.50
CA LYS B 93 -21.99 23.88 -19.61
C LYS B 93 -22.30 25.23 -18.99
N SER B 94 -22.19 25.32 -17.66
CA SER B 94 -22.46 26.57 -16.95
C SER B 94 -21.68 26.60 -15.65
N GLY B 95 -20.62 27.41 -15.62
CA GLY B 95 -19.73 27.44 -14.49
C GLY B 95 -18.51 26.59 -14.77
N ARG C 10 -28.06 43.40 -2.70
CA ARG C 10 -28.77 42.57 -1.74
C ARG C 10 -28.31 42.86 -0.31
N LYS C 11 -27.91 41.82 0.40
CA LYS C 11 -27.51 41.93 1.80
C LYS C 11 -26.03 42.30 1.94
N ALA C 12 -25.77 43.36 2.69
CA ALA C 12 -24.41 43.84 2.90
C ALA C 12 -23.71 43.09 4.02
N VAL C 13 -22.54 42.55 3.72
CA VAL C 13 -21.73 41.81 4.70
C VAL C 13 -20.31 42.33 4.70
N ILE C 14 -19.91 42.98 5.78
CA ILE C 14 -18.57 43.54 5.89
C ILE C 14 -17.56 42.52 6.42
N LYS C 15 -16.62 42.13 5.56
CA LYS C 15 -15.59 41.16 5.93
C LYS C 15 -14.43 41.82 6.64
N ASN C 16 -13.98 42.95 6.08
CA ASN C 16 -12.89 43.72 6.68
C ASN C 16 -13.10 45.21 6.44
N ALA C 17 -12.78 46.01 7.44
CA ALA C 17 -12.96 47.44 7.31
C ALA C 17 -12.07 48.23 8.27
N ASP C 18 -11.40 49.24 7.74
CA ASP C 18 -10.73 50.25 8.53
C ASP C 18 -11.27 51.59 8.07
N MET C 19 -12.41 51.97 8.62
CA MET C 19 -13.16 53.11 8.10
C MET C 19 -14.25 53.51 9.09
N SER C 20 -14.65 54.77 9.05
CA SER C 20 -15.68 55.28 9.96
C SER C 20 -17.03 54.66 9.64
N ASP C 21 -17.90 54.58 10.64
CA ASP C 21 -19.20 53.95 10.48
C ASP C 21 -20.04 54.64 9.41
N ASP C 22 -19.95 55.97 9.36
CA ASP C 22 -20.68 56.75 8.37
C ASP C 22 -20.17 56.46 6.96
N MET C 23 -18.85 56.47 6.80
CA MET C 23 -18.22 56.18 5.51
C MET C 23 -18.50 54.76 5.03
N GLN C 24 -18.47 53.80 5.96
CA GLN C 24 -18.76 52.41 5.65
C GLN C 24 -20.15 52.29 5.05
N GLN C 25 -21.12 52.93 5.72
CA GLN C 25 -22.51 52.92 5.28
C GLN C 25 -22.66 53.62 3.93
N ASP C 26 -21.90 54.70 3.74
CA ASP C 26 -21.94 55.44 2.49
C ASP C 26 -21.35 54.60 1.36
N ALA C 27 -20.35 53.80 1.69
CA ALA C 27 -19.75 52.89 0.71
C ALA C 27 -20.76 51.84 0.28
N ILE C 28 -21.49 51.31 1.26
CA ILE C 28 -22.53 50.32 1.01
C ILE C 28 -23.68 50.90 0.19
N ASP C 29 -24.11 52.10 0.56
CA ASP C 29 -25.17 52.79 -0.18
C ASP C 29 -24.75 53.05 -1.62
N CYS C 30 -23.55 53.58 -1.79
CA CYS C 30 -23.00 53.87 -3.11
C CYS C 30 -22.88 52.60 -3.96
N ALA C 31 -22.47 51.52 -3.32
CA ALA C 31 -22.34 50.24 -4.01
C ALA C 31 -23.72 49.67 -4.33
N THR C 32 -24.67 49.90 -3.45
CA THR C 32 -26.05 49.44 -3.67
C THR C 32 -26.63 50.11 -4.90
N GLN C 33 -26.36 51.41 -5.03
CA GLN C 33 -26.79 52.17 -6.21
C GLN C 33 -26.13 51.64 -7.48
N ALA C 34 -24.85 51.32 -7.38
CA ALA C 34 -24.09 50.83 -8.53
C ALA C 34 -24.66 49.54 -9.11
N LEU C 35 -25.01 48.60 -8.23
CA LEU C 35 -25.57 47.33 -8.67
C LEU C 35 -26.92 47.51 -9.33
N GLU C 36 -27.65 48.51 -8.87
CA GLU C 36 -28.95 48.85 -9.43
C GLU C 36 -28.76 49.49 -10.79
N LYS C 37 -27.61 50.13 -10.98
CA LYS C 37 -27.34 50.85 -12.21
C LYS C 37 -26.69 49.93 -13.27
N TYR C 38 -25.72 49.11 -12.84
CA TYR C 38 -24.98 48.23 -13.75
C TYR C 38 -25.00 46.74 -13.39
N ASN C 39 -24.72 45.91 -14.40
CA ASN C 39 -24.60 44.47 -14.22
C ASN C 39 -23.15 44.03 -14.44
N ILE C 40 -22.40 44.85 -15.18
CA ILE C 40 -20.99 44.56 -15.45
C ILE C 40 -20.08 45.05 -14.33
N GLU C 41 -19.23 44.16 -13.84
CA GLU C 41 -18.32 44.44 -12.72
C GLU C 41 -17.43 45.65 -13.02
N LYS C 42 -17.01 45.74 -14.28
CA LYS C 42 -16.17 46.84 -14.75
C LYS C 42 -16.86 48.20 -14.60
N ASP C 43 -18.15 48.24 -14.90
CA ASP C 43 -18.93 49.47 -14.79
C ASP C 43 -19.28 49.80 -13.33
N ILE C 44 -19.61 48.77 -12.57
CA ILE C 44 -19.92 48.93 -11.15
C ILE C 44 -18.75 49.53 -10.37
N ALA C 45 -17.55 49.06 -10.66
CA ALA C 45 -16.34 49.55 -10.01
C ALA C 45 -16.08 51.00 -10.37
N ALA C 46 -16.34 51.35 -11.62
CA ALA C 46 -16.12 52.71 -12.10
C ALA C 46 -16.99 53.70 -11.35
N TYR C 47 -18.26 53.36 -11.18
CA TYR C 47 -19.21 54.21 -10.46
C TYR C 47 -18.76 54.46 -9.02
N ILE C 48 -18.42 53.38 -8.32
CA ILE C 48 -18.02 53.48 -6.91
C ILE C 48 -16.78 54.33 -6.71
N LYS C 49 -15.75 54.10 -7.53
CA LYS C 49 -14.52 54.87 -7.42
C LYS C 49 -14.78 56.35 -7.66
N LYS C 50 -15.45 56.67 -8.77
CA LYS C 50 -15.72 58.05 -9.14
C LYS C 50 -16.53 58.77 -8.07
N GLU C 51 -17.51 58.08 -7.49
CA GLU C 51 -18.36 58.65 -6.47
C GLU C 51 -17.55 59.01 -5.22
N PHE C 52 -16.62 58.14 -4.85
CA PHE C 52 -15.80 58.38 -3.67
C PHE C 52 -14.71 59.41 -3.92
N ASP C 53 -14.29 59.55 -5.17
CA ASP C 53 -13.34 60.61 -5.53
C ASP C 53 -13.97 61.98 -5.34
N LYS C 54 -15.25 62.12 -5.70
CA LYS C 54 -15.95 63.39 -5.52
C LYS C 54 -16.27 63.68 -4.07
N LYS C 55 -16.83 62.69 -3.38
CA LYS C 55 -17.28 62.86 -1.99
C LYS C 55 -16.10 62.99 -1.01
N TYR C 56 -15.12 62.11 -1.14
CA TYR C 56 -14.05 62.05 -0.14
C TYR C 56 -12.65 62.27 -0.72
N ASN C 57 -12.58 63.00 -1.83
CA ASN C 57 -11.31 63.38 -2.47
C ASN C 57 -10.52 62.19 -3.04
N PRO C 58 -9.74 62.42 -4.11
CA PRO C 58 -8.82 61.41 -4.65
C PRO C 58 -7.73 61.04 -3.63
N THR C 59 -7.12 59.88 -3.75
CA THR C 59 -7.33 58.96 -4.86
C THR C 59 -7.83 57.59 -4.38
N TRP C 60 -8.99 57.18 -4.89
CA TRP C 60 -9.58 55.91 -4.48
C TRP C 60 -9.40 54.84 -5.56
N HIS C 61 -9.51 53.59 -5.13
CA HIS C 61 -9.42 52.46 -6.05
C HIS C 61 -10.47 51.44 -5.66
N CYS C 62 -11.08 50.81 -6.66
CA CYS C 62 -12.17 49.87 -6.38
C CYS C 62 -12.05 48.60 -7.22
N ILE C 63 -12.25 47.46 -6.55
CA ILE C 63 -12.25 46.17 -7.22
C ILE C 63 -13.59 45.47 -6.99
N VAL C 64 -14.18 45.01 -8.08
CA VAL C 64 -15.48 44.35 -8.01
C VAL C 64 -15.47 43.02 -8.76
N GLY C 65 -15.84 41.95 -8.07
CA GLY C 65 -15.84 40.63 -8.67
C GLY C 65 -16.18 39.53 -7.69
N ARG C 66 -16.22 38.29 -8.19
CA ARG C 66 -16.57 37.15 -7.37
C ARG C 66 -15.36 36.28 -7.05
N ASN C 67 -14.30 36.42 -7.84
CA ASN C 67 -13.09 35.63 -7.62
C ASN C 67 -11.80 36.41 -7.87
N PHE C 68 -11.20 36.89 -6.78
CA PHE C 68 -9.90 37.55 -6.86
C PHE C 68 -9.24 37.60 -5.50
N GLY C 69 -7.93 37.74 -5.50
CA GLY C 69 -7.16 37.95 -4.28
C GLY C 69 -6.35 39.21 -4.47
N SER C 70 -6.01 39.87 -3.36
CA SER C 70 -5.36 41.16 -3.45
C SER C 70 -4.41 41.46 -2.30
N TYR C 71 -3.43 42.30 -2.58
CA TYR C 71 -2.56 42.84 -1.55
C TYR C 71 -2.33 44.31 -1.87
N VAL C 72 -2.94 45.19 -1.08
CA VAL C 72 -2.89 46.62 -1.35
C VAL C 72 -2.48 47.41 -0.13
N THR C 73 -2.10 48.67 -0.36
CA THR C 73 -1.77 49.57 0.73
C THR C 73 -2.75 50.74 0.74
N HIS C 74 -3.32 51.03 1.90
CA HIS C 74 -4.34 52.07 2.01
C HIS C 74 -4.02 53.08 3.10
N GLU C 75 -4.57 54.27 2.98
CA GLU C 75 -4.48 55.26 4.04
C GLU C 75 -5.31 54.80 5.22
N THR C 76 -4.87 55.15 6.44
CA THR C 76 -5.58 54.75 7.64
C THR C 76 -6.99 55.33 7.62
N LYS C 77 -7.95 54.56 8.13
CA LYS C 77 -9.36 54.96 8.18
C LYS C 77 -9.93 55.20 6.78
N HIS C 78 -9.36 54.54 5.79
CA HIS C 78 -9.84 54.66 4.41
C HIS C 78 -9.77 53.33 3.68
N PHE C 79 -10.37 52.30 4.25
CA PHE C 79 -10.37 50.98 3.64
C PHE C 79 -11.62 50.21 4.02
N ILE C 80 -12.25 49.58 3.04
CA ILE C 80 -13.39 48.72 3.31
C ILE C 80 -13.42 47.57 2.31
N TYR C 81 -13.75 46.39 2.81
CA TYR C 81 -13.89 45.20 1.97
C TYR C 81 -15.14 44.46 2.40
N PHE C 82 -16.11 44.35 1.50
CA PHE C 82 -17.42 43.83 1.85
C PHE C 82 -18.14 43.19 0.67
N TYR C 83 -19.19 42.44 0.97
CA TYR C 83 -20.04 41.84 -0.05
C TYR C 83 -21.41 42.52 -0.16
N LEU C 84 -21.89 42.63 -1.39
CA LEU C 84 -23.29 42.94 -1.67
C LEU C 84 -23.89 41.81 -2.48
N GLY C 85 -24.60 40.91 -1.79
CA GLY C 85 -25.06 39.69 -2.40
C GLY C 85 -23.89 38.77 -2.67
N GLN C 86 -23.69 38.38 -3.94
CA GLN C 86 -22.61 37.47 -4.29
C GLN C 86 -21.40 38.22 -4.80
N VAL C 87 -21.43 39.54 -4.69
CA VAL C 87 -20.37 40.35 -5.28
C VAL C 87 -19.46 40.94 -4.21
N ALA C 88 -18.17 40.77 -4.41
CA ALA C 88 -17.18 41.29 -3.48
C ALA C 88 -16.70 42.65 -3.95
N ILE C 89 -16.56 43.58 -3.01
CA ILE C 89 -16.18 44.93 -3.32
C ILE C 89 -15.01 45.36 -2.46
N LEU C 90 -13.92 45.75 -3.11
CA LEU C 90 -12.75 46.24 -2.40
C LEU C 90 -12.63 47.73 -2.71
N LEU C 91 -12.60 48.56 -1.67
CA LEU C 91 -12.53 50.00 -1.85
C LEU C 91 -11.57 50.62 -0.87
N PHE C 92 -10.59 51.35 -1.39
CA PHE C 92 -9.56 51.95 -0.55
C PHE C 92 -8.94 53.19 -1.19
N LYS C 93 -8.30 54.00 -0.35
CA LYS C 93 -7.70 55.26 -0.78
C LYS C 93 -6.18 55.21 -0.68
N SER C 94 -5.49 55.59 -1.77
CA SER C 94 -4.04 55.60 -1.80
C SER C 94 -3.52 56.63 -2.81
N ALA D 12 1.95 33.92 -21.38
CA ALA D 12 1.75 35.31 -20.98
C ALA D 12 0.99 36.10 -22.05
N VAL D 13 -0.09 36.75 -21.64
CA VAL D 13 -0.91 37.55 -22.55
C VAL D 13 -1.17 38.93 -21.97
N ILE D 14 -0.60 39.96 -22.58
CA ILE D 14 -0.78 41.33 -22.10
C ILE D 14 -2.05 41.96 -22.65
N LYS D 15 -3.00 42.23 -21.77
CA LYS D 15 -4.27 42.82 -22.19
C LYS D 15 -4.15 44.34 -22.32
N ASN D 16 -3.58 44.97 -21.29
CA ASN D 16 -3.37 46.41 -21.30
C ASN D 16 -2.11 46.78 -20.54
N ALA D 17 -1.37 47.76 -21.05
CA ALA D 17 -0.14 48.18 -20.40
C ALA D 17 0.26 49.61 -20.78
N ASP D 18 0.58 50.38 -19.76
CA ASP D 18 1.23 51.68 -19.92
C ASP D 18 2.47 51.62 -19.04
N MET D 19 3.55 51.05 -19.56
CA MET D 19 4.70 50.69 -18.76
C MET D 19 5.87 50.39 -19.67
N SER D 20 7.09 50.57 -19.19
CA SER D 20 8.27 50.32 -20.01
C SER D 20 8.40 48.81 -20.28
N ASP D 21 9.01 48.47 -21.40
CA ASP D 21 9.17 47.08 -21.81
C ASP D 21 9.99 46.27 -20.82
N ASP D 22 11.00 46.90 -20.22
CA ASP D 22 11.83 46.21 -19.24
C ASP D 22 11.02 45.86 -17.99
N MET D 23 10.25 46.82 -17.50
CA MET D 23 9.36 46.57 -16.37
C MET D 23 8.26 45.56 -16.69
N GLN D 24 7.72 45.63 -17.90
CA GLN D 24 6.69 44.67 -18.31
C GLN D 24 7.24 43.26 -18.19
N GLN D 25 8.46 43.06 -18.70
CA GLN D 25 9.11 41.77 -18.60
C GLN D 25 9.37 41.37 -17.14
N ASP D 26 9.75 42.35 -16.32
CA ASP D 26 10.05 42.07 -14.92
C ASP D 26 8.81 41.68 -14.11
N ALA D 27 7.68 42.29 -14.45
CA ALA D 27 6.42 41.97 -13.78
C ALA D 27 6.02 40.53 -14.07
N ILE D 28 6.18 40.12 -15.32
CA ILE D 28 5.86 38.77 -15.75
C ILE D 28 6.77 37.75 -15.06
N ASP D 29 8.06 38.06 -15.00
CA ASP D 29 9.02 37.18 -14.33
C ASP D 29 8.66 37.00 -12.87
N CYS D 30 8.39 38.12 -12.20
CA CYS D 30 8.02 38.10 -10.78
C CYS D 30 6.74 37.29 -10.54
N ALA D 31 5.79 37.41 -11.46
CA ALA D 31 4.54 36.68 -11.36
C ALA D 31 4.74 35.18 -11.60
N THR D 32 5.65 34.86 -12.53
CA THR D 32 5.99 33.47 -12.81
C THR D 32 6.56 32.80 -11.57
N GLN D 33 7.43 33.54 -10.87
CA GLN D 33 8.01 33.08 -9.62
C GLN D 33 6.93 32.87 -8.57
N ALA D 34 5.99 33.80 -8.52
CA ALA D 34 4.90 33.77 -7.56
C ALA D 34 4.05 32.52 -7.71
N LEU D 35 3.72 32.18 -8.95
CA LEU D 35 2.89 31.02 -9.25
C LEU D 35 3.59 29.72 -8.86
N GLU D 36 4.91 29.71 -8.97
CA GLU D 36 5.70 28.54 -8.65
C GLU D 36 5.79 28.31 -7.15
N LYS D 37 5.69 29.39 -6.38
CA LYS D 37 5.79 29.28 -4.93
C LYS D 37 4.42 29.09 -4.28
N TYR D 38 3.41 29.79 -4.80
CA TYR D 38 2.09 29.79 -4.18
C TYR D 38 0.96 29.32 -5.11
N ASN D 39 -0.12 28.84 -4.50
CA ASN D 39 -1.29 28.39 -5.23
C ASN D 39 -2.48 29.30 -4.96
N ILE D 40 -2.43 29.97 -3.81
CA ILE D 40 -3.48 30.86 -3.36
C ILE D 40 -3.34 32.29 -3.90
N GLU D 41 -4.43 32.82 -4.46
CA GLU D 41 -4.44 34.15 -5.07
C GLU D 41 -3.99 35.22 -4.09
N LYS D 42 -4.42 35.08 -2.84
CA LYS D 42 -4.07 36.02 -1.78
C LYS D 42 -2.56 36.05 -1.56
N ASP D 43 -1.92 34.89 -1.63
CA ASP D 43 -0.47 34.79 -1.45
C ASP D 43 0.29 35.28 -2.67
N ILE D 44 -0.21 34.95 -3.85
CA ILE D 44 0.39 35.37 -5.11
C ILE D 44 0.45 36.89 -5.23
N ALA D 45 -0.65 37.55 -4.87
CA ALA D 45 -0.71 39.00 -4.92
C ALA D 45 0.25 39.61 -3.91
N ALA D 46 0.33 39.00 -2.73
CA ALA D 46 1.20 39.49 -1.67
C ALA D 46 2.67 39.47 -2.08
N TYR D 47 3.09 38.36 -2.70
CA TYR D 47 4.46 38.21 -3.17
C TYR D 47 4.82 39.29 -4.18
N ILE D 48 3.98 39.46 -5.20
CA ILE D 48 4.24 40.40 -6.27
C ILE D 48 4.31 41.86 -5.77
N LYS D 49 3.36 42.24 -4.92
CA LYS D 49 3.33 43.59 -4.38
C LYS D 49 4.60 43.90 -3.59
N LYS D 50 4.93 43.03 -2.65
CA LYS D 50 6.11 43.22 -1.79
C LYS D 50 7.37 43.31 -2.61
N GLU D 51 7.46 42.48 -3.65
CA GLU D 51 8.63 42.43 -4.52
C GLU D 51 8.83 43.75 -5.25
N PHE D 52 7.74 44.33 -5.74
CA PHE D 52 7.80 45.58 -6.48
C PHE D 52 7.97 46.78 -5.55
N ASP D 53 7.49 46.65 -4.32
CA ASP D 53 7.73 47.68 -3.31
C ASP D 53 9.21 47.74 -2.96
N LYS D 54 9.85 46.58 -2.88
CA LYS D 54 11.28 46.51 -2.58
C LYS D 54 12.13 47.01 -3.75
N LYS D 55 11.84 46.52 -4.95
CA LYS D 55 12.63 46.86 -6.13
C LYS D 55 12.41 48.30 -6.57
N TYR D 56 11.16 48.73 -6.65
CA TYR D 56 10.84 50.01 -7.24
C TYR D 56 10.11 50.98 -6.33
N ASN D 57 10.33 50.85 -5.02
CA ASN D 57 9.74 51.74 -4.01
C ASN D 57 8.22 51.63 -3.90
N PRO D 58 7.68 51.92 -2.70
CA PRO D 58 6.22 52.02 -2.51
C PRO D 58 5.65 53.16 -3.35
N THR D 59 4.35 53.13 -3.67
CA THR D 59 3.42 52.13 -3.20
C THR D 59 2.73 51.37 -4.33
N TRP D 60 2.88 50.05 -4.34
CA TRP D 60 2.27 49.21 -5.36
C TRP D 60 1.04 48.48 -4.83
N HIS D 61 0.18 48.05 -5.76
CA HIS D 61 -1.01 47.28 -5.40
C HIS D 61 -1.19 46.16 -6.43
N CYS D 62 -1.62 45.00 -5.97
CA CYS D 62 -1.72 43.86 -6.87
C CYS D 62 -3.01 43.08 -6.67
N ILE D 63 -3.65 42.77 -7.80
CA ILE D 63 -4.88 41.98 -7.79
C ILE D 63 -4.67 40.71 -8.61
N VAL D 64 -5.00 39.57 -8.03
CA VAL D 64 -4.85 38.29 -8.71
C VAL D 64 -6.14 37.47 -8.62
N GLY D 65 -6.68 37.10 -9.78
CA GLY D 65 -7.91 36.33 -9.82
C GLY D 65 -8.42 36.11 -11.22
N ARG D 66 -9.53 35.39 -11.35
CA ARG D 66 -10.12 35.10 -12.65
C ARG D 66 -11.40 35.87 -12.92
N ASN D 67 -12.02 36.39 -11.87
CA ASN D 67 -13.27 37.13 -12.03
C ASN D 67 -13.32 38.36 -11.14
N PHE D 68 -13.01 39.51 -11.75
CA PHE D 68 -13.13 40.79 -11.09
C PHE D 68 -13.14 41.91 -12.11
N GLY D 69 -13.67 43.06 -11.71
CA GLY D 69 -13.63 44.25 -12.52
C GLY D 69 -13.00 45.34 -11.67
N SER D 70 -12.38 46.32 -12.31
CA SER D 70 -11.65 47.32 -11.55
C SER D 70 -11.64 48.70 -12.21
N TYR D 71 -11.52 49.71 -11.38
CA TYR D 71 -11.32 51.08 -11.85
C TYR D 71 -10.31 51.72 -10.90
N VAL D 72 -9.09 51.91 -11.39
CA VAL D 72 -8.01 52.42 -10.55
C VAL D 72 -7.30 53.60 -11.20
N THR D 73 -6.54 54.34 -10.38
CA THR D 73 -5.73 55.43 -10.88
C THR D 73 -4.26 55.10 -10.60
N HIS D 74 -3.43 55.22 -11.62
CA HIS D 74 -2.02 54.84 -11.49
C HIS D 74 -1.08 55.93 -11.95
N GLU D 75 0.15 55.88 -11.45
CA GLU D 75 1.19 56.78 -11.93
C GLU D 75 1.51 56.39 -13.36
N THR D 76 1.87 57.35 -14.19
CA THR D 76 2.19 57.08 -15.58
C THR D 76 3.39 56.14 -15.68
N LYS D 77 3.36 55.26 -16.69
CA LYS D 77 4.43 54.28 -16.92
C LYS D 77 4.59 53.33 -15.75
N HIS D 78 3.52 53.13 -14.99
CA HIS D 78 3.55 52.21 -13.85
C HIS D 78 2.23 51.44 -13.72
N PHE D 79 1.83 50.78 -14.81
CA PHE D 79 0.58 50.02 -14.82
C PHE D 79 0.66 48.84 -15.79
N ILE D 80 0.24 47.67 -15.33
CA ILE D 80 0.17 46.50 -16.20
C ILE D 80 -0.99 45.58 -15.81
N TYR D 81 -1.65 45.04 -16.83
CA TYR D 81 -2.72 44.08 -16.63
C TYR D 81 -2.59 42.97 -17.66
N PHE D 82 -2.38 41.74 -17.19
CA PHE D 82 -2.09 40.63 -18.09
C PHE D 82 -2.53 39.28 -17.52
N TYR D 83 -2.56 38.25 -18.38
CA TYR D 83 -2.86 36.90 -17.93
C TYR D 83 -1.61 36.03 -17.91
N LEU D 84 -1.53 35.15 -16.91
CA LEU D 84 -0.57 34.06 -16.90
C LEU D 84 -1.32 32.74 -16.86
N GLY D 85 -1.47 32.12 -18.03
CA GLY D 85 -2.31 30.95 -18.14
C GLY D 85 -3.76 31.36 -17.95
N GLN D 86 -4.40 30.80 -16.94
CA GLN D 86 -5.81 31.06 -16.70
C GLN D 86 -6.01 32.16 -15.65
N VAL D 87 -4.93 32.77 -15.19
CA VAL D 87 -5.01 33.74 -14.10
C VAL D 87 -4.71 35.17 -14.55
N ALA D 88 -5.58 36.10 -14.17
CA ALA D 88 -5.38 37.51 -14.50
C ALA D 88 -4.68 38.25 -13.37
N ILE D 89 -3.74 39.12 -13.74
CA ILE D 89 -2.95 39.85 -12.76
C ILE D 89 -2.93 41.35 -13.05
N LEU D 90 -3.35 42.14 -12.07
CA LEU D 90 -3.34 43.60 -12.18
C LEU D 90 -2.28 44.18 -11.25
N LEU D 91 -1.37 44.99 -11.80
CA LEU D 91 -0.29 45.58 -11.02
C LEU D 91 -0.07 47.04 -11.41
N PHE D 92 -0.15 47.92 -10.43
CA PHE D 92 0.00 49.35 -10.67
C PHE D 92 0.51 50.09 -9.44
N LYS D 93 1.04 51.29 -9.65
CA LYS D 93 1.60 52.09 -8.57
C LYS D 93 0.77 53.35 -8.32
N SER D 94 0.40 53.58 -7.06
CA SER D 94 -0.38 54.75 -6.69
C SER D 94 -0.14 55.13 -5.24
N GLY D 95 0.62 56.20 -5.03
CA GLY D 95 1.02 56.59 -3.70
C GLY D 95 2.42 56.11 -3.38
N PHE E 6 1.60 63.24 -13.93
CA PHE E 6 0.17 63.11 -14.15
C PHE E 6 -0.31 61.73 -13.77
N MET E 7 -1.57 61.64 -13.34
CA MET E 7 -2.16 60.36 -12.97
C MET E 7 -3.14 59.93 -14.05
N GLN E 8 -3.12 58.64 -14.37
CA GLN E 8 -4.00 58.10 -15.41
C GLN E 8 -4.98 57.09 -14.84
N HIS E 9 -6.17 57.04 -15.44
CA HIS E 9 -7.20 56.11 -15.01
C HIS E 9 -7.19 54.85 -15.86
N ALA E 10 -7.42 53.71 -15.21
CA ALA E 10 -7.44 52.43 -15.89
C ALA E 10 -8.71 51.67 -15.54
N ASN E 11 -9.40 51.20 -16.57
CA ASN E 11 -10.63 50.45 -16.38
C ASN E 11 -10.53 49.09 -17.06
N VAL E 12 -10.09 48.09 -16.31
CA VAL E 12 -9.89 46.76 -16.88
C VAL E 12 -10.63 45.71 -16.08
N ALA E 13 -11.00 44.63 -16.76
CA ALA E 13 -11.75 43.55 -16.14
C ALA E 13 -11.41 42.21 -16.79
N THR E 14 -11.63 41.14 -16.05
CA THR E 14 -11.40 39.79 -16.55
C THR E 14 -12.28 39.50 -17.75
N ASP E 15 -11.85 38.56 -18.59
CA ASP E 15 -12.60 38.20 -19.79
C ASP E 15 -14.02 37.73 -19.49
N GLN E 16 -14.95 38.15 -20.32
CA GLN E 16 -16.36 37.83 -20.13
C GLN E 16 -16.80 36.65 -20.97
N VAL E 17 -17.19 35.57 -20.28
CA VAL E 17 -17.75 34.40 -20.94
C VAL E 17 -19.20 34.67 -21.30
N VAL E 18 -19.48 34.79 -22.60
CA VAL E 18 -20.83 35.11 -23.06
C VAL E 18 -21.80 33.99 -22.73
N MET E 19 -22.88 34.34 -22.05
CA MET E 19 -23.89 33.37 -21.62
C MET E 19 -25.18 33.49 -22.42
N LYS E 20 -25.84 32.36 -22.63
CA LYS E 20 -27.12 32.32 -23.32
C LYS E 20 -28.14 31.52 -22.53
N SER E 21 -29.39 31.98 -22.54
CA SER E 21 -30.47 31.24 -21.90
C SER E 21 -31.35 30.61 -22.98
N VAL E 22 -31.84 29.41 -22.73
CA VAL E 22 -32.60 28.68 -23.73
C VAL E 22 -33.69 27.79 -23.10
N GLU E 23 -34.80 27.65 -23.80
CA GLU E 23 -35.89 26.77 -23.37
C GLU E 23 -35.85 25.43 -24.07
N CYS E 24 -36.23 24.39 -23.33
CA CYS E 24 -36.36 23.05 -23.90
C CYS E 24 -37.64 22.41 -23.40
N GLN E 25 -38.35 21.72 -24.28
CA GLN E 25 -39.57 21.02 -23.89
C GLN E 25 -39.66 19.67 -24.59
N THR E 26 -39.85 18.61 -23.82
CA THR E 26 -39.98 17.30 -24.42
C THR E 26 -41.30 17.18 -25.18
N GLU E 27 -41.29 16.35 -26.22
CA GLU E 27 -42.49 16.13 -27.03
C GLU E 27 -43.41 15.13 -26.34
N PRO E 28 -44.73 15.23 -26.60
CA PRO E 28 -45.68 14.29 -26.01
C PRO E 28 -45.47 12.85 -26.49
N PHE F 6 0.03 57.61 8.23
CA PHE F 6 0.62 56.28 8.08
C PHE F 6 -0.18 55.46 7.06
N MET F 7 0.52 54.56 6.38
CA MET F 7 -0.12 53.68 5.39
C MET F 7 -0.23 52.26 5.93
N GLN F 8 -1.35 51.61 5.64
CA GLN F 8 -1.59 50.25 6.10
C GLN F 8 -1.68 49.27 4.94
N HIS F 9 -1.25 48.03 5.17
CA HIS F 9 -1.31 46.99 4.16
C HIS F 9 -2.55 46.13 4.35
N ALA F 10 -3.17 45.73 3.25
CA ALA F 10 -4.39 44.93 3.31
C ALA F 10 -4.25 43.66 2.47
N ASN F 11 -4.55 42.53 3.08
CA ASN F 11 -4.47 41.24 2.40
C ASN F 11 -5.80 40.50 2.49
N VAL F 12 -6.65 40.72 1.50
CA VAL F 12 -7.98 40.13 1.49
C VAL F 12 -8.23 39.41 0.17
N ALA F 13 -9.11 38.41 0.21
CA ALA F 13 -9.44 37.65 -0.98
C ALA F 13 -10.89 37.18 -0.92
N THR F 14 -11.48 36.95 -2.08
CA THR F 14 -12.86 36.48 -2.16
C THR F 14 -13.04 35.10 -1.55
N ASP F 15 -14.24 34.86 -1.03
CA ASP F 15 -14.61 33.56 -0.49
C ASP F 15 -14.58 32.52 -1.61
N GLN F 16 -14.18 31.30 -1.28
CA GLN F 16 -14.21 30.23 -2.28
C GLN F 16 -15.63 29.74 -2.47
N VAL F 17 -16.08 29.69 -3.72
CA VAL F 17 -17.42 29.18 -4.00
C VAL F 17 -17.39 27.67 -4.18
N VAL F 18 -17.81 26.96 -3.15
CA VAL F 18 -17.79 25.50 -3.14
C VAL F 18 -18.86 24.89 -4.04
N MET F 19 -18.46 23.95 -4.89
CA MET F 19 -19.41 23.32 -5.80
C MET F 19 -19.71 21.90 -5.32
N LYS F 20 -20.95 21.48 -5.52
CA LYS F 20 -21.39 20.14 -5.14
C LYS F 20 -22.16 19.50 -6.29
N SER F 21 -21.97 18.20 -6.49
CA SER F 21 -22.72 17.47 -7.50
C SER F 21 -23.78 16.57 -6.86
N VAL F 22 -24.91 16.43 -7.53
CA VAL F 22 -26.03 15.68 -6.98
C VAL F 22 -26.83 14.99 -8.08
N GLU F 23 -27.38 13.81 -7.77
CA GLU F 23 -28.23 13.08 -8.67
C GLU F 23 -29.70 13.31 -8.34
N CYS F 24 -30.54 13.37 -9.37
CA CYS F 24 -31.99 13.48 -9.16
C CYS F 24 -32.71 12.50 -10.08
N GLN F 25 -33.72 11.84 -9.55
CA GLN F 25 -34.53 10.93 -10.35
C GLN F 25 -36.01 11.07 -10.00
N THR F 26 -36.85 11.26 -11.01
CA THR F 26 -38.29 11.38 -10.80
C THR F 26 -38.87 10.05 -10.34
N GLU F 27 -39.99 10.12 -9.65
CA GLU F 27 -40.65 8.92 -9.13
C GLU F 27 -41.35 8.18 -10.26
N PRO F 28 -41.48 6.86 -10.13
CA PRO F 28 -42.19 6.07 -11.14
C PRO F 28 -43.67 6.42 -11.19
N VAL F 29 -44.20 6.62 -12.39
CA VAL F 29 -45.59 7.04 -12.55
C VAL F 29 -46.50 5.83 -12.74
N ARG G 10 50.36 -21.62 6.83
CA ARG G 10 51.22 -20.62 7.46
C ARG G 10 50.68 -20.20 8.83
N LYS G 11 50.46 -18.90 9.00
CA LYS G 11 50.01 -18.37 10.27
C LYS G 11 48.50 -18.42 10.38
N ALA G 12 48.00 -19.03 11.46
CA ALA G 12 46.56 -19.17 11.66
C ALA G 12 45.98 -17.93 12.33
N VAL G 13 44.96 -17.36 11.68
CA VAL G 13 44.29 -16.17 12.19
C VAL G 13 42.77 -16.38 12.18
N ILE G 14 42.18 -16.47 13.37
CA ILE G 14 40.75 -16.70 13.48
C ILE G 14 39.98 -15.38 13.44
N LYS G 15 39.18 -15.19 12.40
CA LYS G 15 38.41 -13.97 12.23
C LYS G 15 37.13 -14.00 13.04
N ASN G 16 36.39 -15.11 12.95
CA ASN G 16 35.16 -15.27 13.70
C ASN G 16 34.93 -16.75 14.03
N ALA G 17 34.40 -17.03 15.21
CA ALA G 17 34.22 -18.41 15.65
C ALA G 17 33.14 -18.59 16.70
N ASP G 18 32.31 -19.62 16.50
CA ASP G 18 31.37 -20.10 17.51
C ASP G 18 31.64 -21.58 17.70
N MET G 19 32.62 -21.92 18.54
CA MET G 19 33.11 -23.28 18.62
C MET G 19 34.01 -23.51 19.83
N SER G 20 34.07 -24.75 20.33
CA SER G 20 34.93 -25.07 21.47
C SER G 20 36.40 -24.97 21.08
N ASP G 21 37.25 -24.69 22.05
CA ASP G 21 38.68 -24.50 21.79
C ASP G 21 39.33 -25.75 21.19
N ASP G 22 38.91 -26.92 21.67
CA ASP G 22 39.43 -28.18 21.15
C ASP G 22 39.05 -28.38 19.68
N MET G 23 37.79 -28.12 19.36
CA MET G 23 37.31 -28.23 17.99
C MET G 23 38.01 -27.23 17.06
N GLN G 24 38.21 -26.01 17.56
CA GLN G 24 38.88 -24.97 16.78
C GLN G 24 40.28 -25.39 16.39
N GLN G 25 41.03 -25.88 17.37
CA GLN G 25 42.39 -26.33 17.13
C GLN G 25 42.39 -27.51 16.17
N ASP G 26 41.40 -28.38 16.32
CA ASP G 26 41.29 -29.54 15.45
C ASP G 26 40.95 -29.10 14.03
N ALA G 27 40.17 -28.03 13.92
CA ALA G 27 39.84 -27.46 12.61
C ALA G 27 41.08 -26.90 11.93
N ILE G 28 41.91 -26.20 12.70
CA ILE G 28 43.15 -25.64 12.19
C ILE G 28 44.15 -26.72 11.79
N ASP G 29 44.31 -27.73 12.64
CA ASP G 29 45.22 -28.85 12.36
C ASP G 29 44.79 -29.56 11.08
N CYS G 30 43.50 -29.87 11.01
CA CYS G 30 42.93 -30.55 9.86
C CYS G 30 43.13 -29.75 8.58
N ALA G 31 42.98 -28.44 8.67
CA ALA G 31 43.20 -27.55 7.53
C ALA G 31 44.67 -27.46 7.16
N THR G 32 45.54 -27.50 8.18
CA THR G 32 46.98 -27.47 7.95
C THR G 32 47.42 -28.68 7.13
N GLN G 33 46.87 -29.84 7.46
CA GLN G 33 47.15 -31.06 6.72
C GLN G 33 46.66 -30.99 5.28
N ALA G 34 45.46 -30.44 5.10
CA ALA G 34 44.84 -30.33 3.79
C ALA G 34 45.64 -29.46 2.82
N LEU G 35 46.11 -28.30 3.29
CA LEU G 35 46.87 -27.39 2.44
C LEU G 35 48.22 -27.99 2.05
N GLU G 36 48.77 -28.84 2.91
CA GLU G 36 50.04 -29.50 2.62
C GLU G 36 49.88 -30.59 1.57
N LYS G 37 48.70 -31.21 1.52
CA LYS G 37 48.45 -32.34 0.62
C LYS G 37 47.88 -31.94 -0.75
N TYR G 38 47.01 -30.94 -0.77
CA TYR G 38 46.30 -30.56 -2.00
C TYR G 38 46.60 -29.14 -2.46
N ASN G 39 46.42 -28.90 -3.75
CA ASN G 39 46.61 -27.56 -4.32
C ASN G 39 45.31 -26.91 -4.77
N ILE G 40 44.33 -27.74 -5.08
CA ILE G 40 43.04 -27.24 -5.50
C ILE G 40 42.15 -27.02 -4.29
N GLU G 41 41.56 -25.84 -4.19
CA GLU G 41 40.74 -25.43 -3.05
C GLU G 41 39.58 -26.38 -2.76
N LYS G 42 38.92 -26.87 -3.81
CA LYS G 42 37.80 -27.79 -3.65
C LYS G 42 38.22 -29.08 -2.96
N ASP G 43 39.43 -29.55 -3.24
CA ASP G 43 39.95 -30.76 -2.63
C ASP G 43 40.31 -30.50 -1.18
N ILE G 44 40.88 -29.33 -0.93
CA ILE G 44 41.22 -28.89 0.42
C ILE G 44 39.96 -28.85 1.28
N ALA G 45 38.89 -28.28 0.71
CA ALA G 45 37.61 -28.19 1.39
C ALA G 45 37.00 -29.57 1.62
N ALA G 46 37.16 -30.45 0.63
CA ALA G 46 36.61 -31.80 0.73
C ALA G 46 37.24 -32.56 1.90
N TYR G 47 38.55 -32.44 2.03
CA TYR G 47 39.28 -33.10 3.11
C TYR G 47 38.77 -32.64 4.47
N ILE G 48 38.69 -31.33 4.67
CA ILE G 48 38.26 -30.77 5.94
C ILE G 48 36.82 -31.18 6.27
N LYS G 49 35.93 -31.11 5.28
CA LYS G 49 34.53 -31.49 5.47
C LYS G 49 34.39 -32.95 5.90
N LYS G 50 35.03 -33.84 5.14
CA LYS G 50 34.95 -35.27 5.40
C LYS G 50 35.45 -35.64 6.78
N GLU G 51 36.54 -35.00 7.19
CA GLU G 51 37.12 -35.26 8.50
C GLU G 51 36.18 -34.85 9.63
N PHE G 52 35.52 -33.71 9.47
CA PHE G 52 34.62 -33.21 10.50
C PHE G 52 33.31 -33.98 10.51
N ASP G 53 32.91 -34.50 9.36
CA ASP G 53 31.75 -35.39 9.30
C ASP G 53 32.04 -36.68 10.08
N LYS G 54 33.26 -37.19 9.96
CA LYS G 54 33.67 -38.39 10.67
C LYS G 54 33.88 -38.14 12.16
N LYS G 55 34.63 -37.09 12.49
CA LYS G 55 34.97 -36.78 13.87
C LYS G 55 33.81 -36.23 14.69
N TYR G 56 33.09 -35.27 14.13
CA TYR G 56 32.09 -34.51 14.90
C TYR G 56 30.69 -34.61 14.31
N ASN G 57 30.41 -35.74 13.67
CA ASN G 57 29.10 -36.06 13.11
C ASN G 57 28.70 -35.16 11.95
N PRO G 58 27.92 -35.70 10.99
CA PRO G 58 27.34 -34.90 9.91
C PRO G 58 26.35 -33.89 10.49
N THR G 59 26.05 -32.80 9.78
CA THR G 59 26.54 -32.55 8.42
C THR G 59 27.33 -31.24 8.37
N TRP G 60 28.58 -31.32 7.92
CA TRP G 60 29.44 -30.15 7.83
C TRP G 60 29.57 -29.63 6.41
N HIS G 61 29.96 -28.36 6.28
CA HIS G 61 30.17 -27.75 4.98
C HIS G 61 31.42 -26.90 5.07
N CYS G 62 32.21 -26.86 4.00
CA CYS G 62 33.47 -26.15 4.04
C CYS G 62 33.73 -25.34 2.78
N ILE G 63 34.16 -24.11 2.97
CA ILE G 63 34.53 -23.21 1.86
C ILE G 63 35.98 -22.78 2.02
N VAL G 64 36.75 -22.91 0.95
CA VAL G 64 38.16 -22.53 0.96
C VAL G 64 38.48 -21.63 -0.23
N GLY G 65 39.05 -20.45 0.04
CA GLY G 65 39.38 -19.52 -1.02
C GLY G 65 39.93 -18.19 -0.56
N ARG G 66 40.26 -17.33 -1.52
CA ARG G 66 40.82 -16.01 -1.21
C ARG G 66 39.83 -14.87 -1.45
N ASN G 67 38.81 -15.13 -2.26
CA ASN G 67 37.82 -14.10 -2.55
C ASN G 67 36.40 -14.63 -2.60
N PHE G 68 35.69 -14.49 -1.49
CA PHE G 68 34.28 -14.84 -1.44
C PHE G 68 33.60 -14.16 -0.26
N GLY G 69 32.28 -13.98 -0.37
CA GLY G 69 31.48 -13.49 0.73
C GLY G 69 30.38 -14.52 0.93
N SER G 70 29.87 -14.63 2.15
CA SER G 70 28.92 -15.69 2.44
C SER G 70 27.90 -15.32 3.50
N TYR G 71 26.75 -15.98 3.43
CA TYR G 71 25.76 -15.90 4.48
C TYR G 71 25.19 -17.30 4.70
N VAL G 72 25.53 -17.89 5.83
CA VAL G 72 25.16 -19.27 6.10
C VAL G 72 24.50 -19.39 7.46
N THR G 73 23.79 -20.50 7.66
CA THR G 73 23.17 -20.77 8.96
C THR G 73 23.81 -22.01 9.56
N HIS G 74 24.24 -21.90 10.81
CA HIS G 74 24.95 -22.99 11.45
C HIS G 74 24.34 -23.34 12.79
N GLU G 75 24.57 -24.58 13.22
CA GLU G 75 24.21 -25.05 14.54
C GLU G 75 25.11 -24.36 15.57
N THR G 76 24.60 -24.14 16.77
CA THR G 76 25.36 -23.48 17.83
C THR G 76 26.61 -24.27 18.16
N LYS G 77 27.71 -23.57 18.46
CA LYS G 77 28.99 -24.20 18.78
C LYS G 77 29.55 -25.05 17.65
N HIS G 78 29.17 -24.74 16.42
CA HIS G 78 29.68 -25.48 15.27
C HIS G 78 29.93 -24.56 14.09
N PHE G 79 30.74 -23.53 14.33
CA PHE G 79 31.10 -22.58 13.29
C PHE G 79 32.49 -22.01 13.51
N ILE G 80 33.28 -21.95 12.45
CA ILE G 80 34.56 -21.28 12.53
C ILE G 80 34.88 -20.64 11.18
N TYR G 81 35.48 -19.46 11.24
CA TYR G 81 35.93 -18.77 10.03
C TYR G 81 37.31 -18.22 10.31
N PHE G 82 38.29 -18.69 9.55
CA PHE G 82 39.68 -18.36 9.83
C PHE G 82 40.56 -18.41 8.60
N TYR G 83 41.76 -17.83 8.74
CA TYR G 83 42.79 -17.87 7.71
C TYR G 83 43.97 -18.79 8.05
N LEU G 84 44.49 -19.44 7.02
CA LEU G 84 45.79 -20.09 7.13
C LEU G 84 46.68 -19.43 6.08
N GLY G 85 47.47 -18.47 6.53
CA GLY G 85 48.23 -17.62 5.63
C GLY G 85 47.27 -16.71 4.89
N GLN G 86 47.26 -16.80 3.57
CA GLN G 86 46.40 -15.95 2.74
C GLN G 86 45.13 -16.65 2.28
N VAL G 87 44.86 -17.84 2.83
CA VAL G 87 43.71 -18.62 2.40
C VAL G 87 42.64 -18.59 3.48
N ALA G 88 41.41 -18.29 3.10
CA ALA G 88 40.30 -18.22 4.04
C ALA G 88 39.53 -19.53 4.10
N ILE G 89 39.16 -19.94 5.30
CA ILE G 89 38.45 -21.20 5.47
C ILE G 89 37.19 -21.02 6.30
N LEU G 90 36.05 -21.39 5.71
CA LEU G 90 34.77 -21.35 6.39
C LEU G 90 34.31 -22.77 6.63
N LEU G 91 34.03 -23.12 7.87
CA LEU G 91 33.65 -24.48 8.21
C LEU G 91 32.51 -24.43 9.21
N PHE G 92 31.39 -25.07 8.87
CA PHE G 92 30.22 -25.01 9.74
C PHE G 92 29.32 -26.23 9.59
N LYS G 93 28.50 -26.46 10.60
CA LYS G 93 27.61 -27.62 10.65
C LYS G 93 26.15 -27.20 10.55
N SER G 94 25.42 -27.81 9.64
CA SER G 94 24.01 -27.51 9.45
C SER G 94 23.28 -28.72 8.91
N GLY G 95 22.51 -29.36 9.78
CA GLY G 95 21.85 -30.62 9.44
C GLY G 95 22.64 -31.79 10.00
N ARG H 10 26.81 -9.57 -17.61
CA ARG H 10 25.66 -10.04 -16.84
C ARG H 10 25.11 -11.34 -17.42
N LYS H 11 26.00 -12.14 -18.01
CA LYS H 11 25.60 -13.38 -18.65
C LYS H 11 25.57 -14.52 -17.64
N ALA H 12 24.43 -15.20 -17.54
CA ALA H 12 24.27 -16.29 -16.60
C ALA H 12 24.81 -17.59 -17.16
N VAL H 13 25.70 -18.23 -16.41
CA VAL H 13 26.28 -19.50 -16.81
C VAL H 13 26.19 -20.50 -15.66
N ILE H 14 25.35 -21.52 -15.83
CA ILE H 14 25.16 -22.54 -14.82
C ILE H 14 26.21 -23.63 -14.98
N LYS H 15 27.10 -23.74 -14.00
CA LYS H 15 28.17 -24.72 -14.05
C LYS H 15 27.69 -26.09 -13.60
N ASN H 16 26.98 -26.12 -12.48
CA ASN H 16 26.43 -27.37 -11.96
C ASN H 16 25.13 -27.09 -11.23
N ALA H 17 24.17 -28.00 -11.35
CA ALA H 17 22.87 -27.79 -10.73
C ALA H 17 22.10 -29.08 -10.46
N ASP H 18 21.56 -29.17 -9.26
CA ASP H 18 20.58 -30.19 -8.91
C ASP H 18 19.37 -29.45 -8.37
N MET H 19 18.51 -29.00 -9.27
CA MET H 19 17.44 -28.08 -8.93
C MET H 19 16.43 -28.01 -10.07
N SER H 20 15.18 -27.68 -9.77
CA SER H 20 14.16 -27.57 -10.80
C SER H 20 14.44 -26.35 -11.65
N ASP H 21 14.00 -26.38 -12.90
CA ASP H 21 14.26 -25.30 -13.85
C ASP H 21 13.68 -23.96 -13.39
N ASP H 22 12.50 -24.02 -12.78
CA ASP H 22 11.84 -22.82 -12.26
C ASP H 22 12.66 -22.23 -11.12
N MET H 23 13.09 -23.08 -10.20
CA MET H 23 13.93 -22.65 -9.08
C MET H 23 15.26 -22.09 -9.58
N GLN H 24 15.84 -22.77 -10.56
CA GLN H 24 17.11 -22.34 -11.15
C GLN H 24 16.97 -20.94 -11.74
N GLN H 25 15.91 -20.74 -12.51
CA GLN H 25 15.65 -19.44 -13.09
C GLN H 25 15.39 -18.41 -12.01
N ASP H 26 14.72 -18.82 -10.95
CA ASP H 26 14.43 -17.93 -9.83
C ASP H 26 15.71 -17.55 -9.09
N ALA H 27 16.65 -18.48 -9.04
CA ALA H 27 17.95 -18.24 -8.41
C ALA H 27 18.73 -17.18 -9.17
N ILE H 28 18.69 -17.27 -10.50
CA ILE H 28 19.35 -16.31 -11.37
C ILE H 28 18.72 -14.92 -11.23
N ASP H 29 17.40 -14.88 -11.22
CA ASP H 29 16.66 -13.62 -11.06
C ASP H 29 17.00 -12.94 -9.74
N CYS H 30 16.93 -13.71 -8.66
CA CYS H 30 17.22 -13.22 -7.32
C CYS H 30 18.65 -12.67 -7.21
N ALA H 31 19.59 -13.37 -7.84
CA ALA H 31 20.98 -12.94 -7.81
C ALA H 31 21.17 -11.68 -8.66
N THR H 32 20.43 -11.59 -9.76
CA THR H 32 20.49 -10.42 -10.63
C THR H 32 20.06 -9.18 -9.86
N GLN H 33 19.00 -9.33 -9.07
CA GLN H 33 18.52 -8.27 -8.20
C GLN H 33 19.55 -7.94 -7.12
N ALA H 34 20.17 -8.98 -6.56
CA ALA H 34 21.17 -8.80 -5.51
C ALA H 34 22.36 -7.98 -5.99
N LEU H 35 22.85 -8.29 -7.19
CA LEU H 35 24.00 -7.59 -7.75
C LEU H 35 23.66 -6.14 -8.06
N GLU H 36 22.40 -5.88 -8.41
CA GLU H 36 21.97 -4.52 -8.72
C GLU H 36 21.85 -3.69 -7.44
N LYS H 37 21.56 -4.35 -6.33
CA LYS H 37 21.37 -3.66 -5.05
C LYS H 37 22.66 -3.53 -4.24
N TYR H 38 23.47 -4.57 -4.26
CA TYR H 38 24.68 -4.61 -3.44
C TYR H 38 25.96 -4.82 -4.24
N ASN H 39 27.08 -4.36 -3.69
CA ASN H 39 28.38 -4.56 -4.32
C ASN H 39 29.29 -5.46 -3.48
N ILE H 40 29.02 -5.54 -2.18
CA ILE H 40 29.79 -6.39 -1.28
C ILE H 40 29.25 -7.82 -1.33
N GLU H 41 30.16 -8.75 -1.53
CA GLU H 41 29.82 -10.16 -1.71
C GLU H 41 29.00 -10.77 -0.57
N LYS H 42 29.32 -10.42 0.67
CA LYS H 42 28.56 -10.93 1.81
C LYS H 42 27.11 -10.44 1.78
N ASP H 43 26.89 -9.21 1.33
CA ASP H 43 25.55 -8.64 1.24
C ASP H 43 24.76 -9.28 0.10
N ILE H 44 25.44 -9.52 -1.02
CA ILE H 44 24.82 -10.20 -2.14
C ILE H 44 24.35 -11.59 -1.73
N ALA H 45 25.21 -12.30 -1.00
CA ALA H 45 24.91 -13.64 -0.52
C ALA H 45 23.78 -13.63 0.50
N ALA H 46 23.76 -12.62 1.38
CA ALA H 46 22.74 -12.50 2.40
C ALA H 46 21.36 -12.31 1.78
N TYR H 47 21.29 -11.44 0.78
CA TYR H 47 20.05 -11.16 0.09
C TYR H 47 19.49 -12.43 -0.55
N ILE H 48 20.34 -13.13 -1.28
CA ILE H 48 19.92 -14.36 -1.97
C ILE H 48 19.46 -15.42 -0.97
N LYS H 49 20.25 -15.60 0.09
CA LYS H 49 19.92 -16.57 1.14
C LYS H 49 18.57 -16.27 1.79
N LYS H 50 18.42 -15.03 2.26
CA LYS H 50 17.20 -14.63 2.97
C LYS H 50 15.98 -14.80 2.09
N GLU H 51 16.11 -14.44 0.83
CA GLU H 51 15.00 -14.53 -0.13
C GLU H 51 14.60 -15.98 -0.34
N PHE H 52 15.57 -16.88 -0.44
CA PHE H 52 15.28 -18.29 -0.67
C PHE H 52 14.77 -18.98 0.57
N ASP H 53 15.15 -18.49 1.75
CA ASP H 53 14.58 -18.98 3.00
C ASP H 53 13.09 -18.65 3.07
N LYS H 54 12.72 -17.47 2.58
CA LYS H 54 11.32 -17.05 2.56
C LYS H 54 10.47 -17.82 1.57
N LYS H 55 10.93 -17.90 0.33
CA LYS H 55 10.14 -18.54 -0.73
C LYS H 55 10.06 -20.05 -0.58
N TYR H 56 11.19 -20.68 -0.31
CA TYR H 56 11.26 -22.14 -0.36
C TYR H 56 11.67 -22.75 0.97
N ASN H 57 11.35 -22.07 2.07
CA ASN H 57 11.62 -22.55 3.43
C ASN H 57 13.11 -22.67 3.75
N PRO H 58 13.47 -22.52 5.04
CA PRO H 58 14.81 -22.77 5.54
C PRO H 58 15.20 -24.23 5.31
N THR H 59 16.49 -24.56 5.28
CA THR H 59 17.57 -23.62 5.55
C THR H 59 18.54 -23.53 4.38
N TRP H 60 18.71 -22.32 3.86
CA TRP H 60 19.59 -22.11 2.71
C TRP H 60 20.93 -21.51 3.10
N HIS H 61 21.91 -21.67 2.22
CA HIS H 61 23.24 -21.12 2.43
C HIS H 61 23.74 -20.58 1.11
N CYS H 62 24.43 -19.44 1.14
CA CYS H 62 24.86 -18.84 -0.11
C CYS H 62 26.30 -18.35 -0.05
N ILE H 63 27.05 -18.68 -1.11
CA ILE H 63 28.42 -18.23 -1.23
C ILE H 63 28.57 -17.43 -2.50
N VAL H 64 29.16 -16.25 -2.37
CA VAL H 64 29.35 -15.34 -3.50
C VAL H 64 30.80 -14.89 -3.57
N GLY H 65 31.44 -15.06 -4.72
CA GLY H 65 32.84 -14.69 -4.85
C GLY H 65 33.50 -14.99 -6.18
N ARG H 66 34.77 -14.61 -6.29
CA ARG H 66 35.51 -14.79 -7.52
C ARG H 66 36.54 -15.91 -7.41
N ASN H 67 36.94 -16.24 -6.18
CA ASN H 67 37.91 -17.30 -5.93
C ASN H 67 37.61 -18.14 -4.70
N PHE H 68 37.01 -19.31 -4.91
CA PHE H 68 36.81 -20.25 -3.83
C PHE H 68 36.55 -21.65 -4.36
N GLY H 69 36.80 -22.63 -3.50
CA GLY H 69 36.46 -24.01 -3.79
C GLY H 69 35.64 -24.48 -2.61
N SER H 70 34.77 -25.46 -2.83
CA SER H 70 33.87 -25.85 -1.76
C SER H 70 33.48 -27.32 -1.84
N TYR H 71 33.13 -27.85 -0.68
CA TYR H 71 32.53 -29.17 -0.59
C TYR H 71 31.43 -29.11 0.44
N VAL H 72 30.19 -29.18 -0.05
CA VAL H 72 29.03 -29.01 0.81
C VAL H 72 28.03 -30.15 0.60
N THR H 73 27.11 -30.31 1.55
CA THR H 73 26.06 -31.31 1.41
C THR H 73 24.70 -30.62 1.35
N HIS H 74 23.89 -30.99 0.37
CA HIS H 74 22.61 -30.35 0.15
C HIS H 74 21.47 -31.35 0.05
N GLU H 75 20.26 -30.90 0.33
CA GLU H 75 19.08 -31.73 0.11
C GLU H 75 18.93 -31.91 -1.39
N THR H 76 18.39 -33.05 -1.80
CA THR H 76 18.21 -33.34 -3.22
C THR H 76 17.31 -32.29 -3.86
N LYS H 77 17.61 -31.95 -5.11
CA LYS H 77 16.86 -30.96 -5.88
C LYS H 77 16.89 -29.56 -5.24
N HIS H 78 17.94 -29.27 -4.49
CA HIS H 78 18.10 -27.95 -3.86
C HIS H 78 19.54 -27.47 -3.86
N PHE H 79 20.13 -27.44 -5.05
CA PHE H 79 21.52 -27.02 -5.22
C PHE H 79 21.75 -26.35 -6.56
N ILE H 80 22.44 -25.23 -6.54
CA ILE H 80 22.83 -24.57 -7.77
C ILE H 80 24.17 -23.87 -7.62
N TYR H 81 24.98 -23.95 -8.67
CA TYR H 81 26.26 -23.27 -8.73
C TYR H 81 26.42 -22.64 -10.11
N PHE H 82 26.53 -21.32 -10.17
CA PHE H 82 26.52 -20.63 -11.44
C PHE H 82 27.26 -19.30 -11.40
N TYR H 83 27.55 -18.75 -12.58
CA TYR H 83 28.16 -17.42 -12.68
C TYR H 83 27.19 -16.37 -13.19
N LEU H 84 27.30 -15.16 -12.63
CA LEU H 84 26.67 -13.98 -13.21
C LEU H 84 27.75 -12.97 -13.53
N GLY H 85 28.18 -12.93 -14.79
CA GLY H 85 29.31 -12.11 -15.17
C GLY H 85 30.61 -12.66 -14.60
N GLN H 86 31.27 -11.86 -13.77
CA GLN H 86 32.56 -12.23 -13.20
C GLN H 86 32.42 -12.84 -11.80
N VAL H 87 31.18 -13.05 -11.38
CA VAL H 87 30.92 -13.51 -10.02
C VAL H 87 30.37 -14.93 -9.97
N ALA H 88 30.97 -15.76 -9.10
CA ALA H 88 30.51 -17.12 -8.91
C ALA H 88 29.55 -17.16 -7.73
N ILE H 89 28.46 -17.91 -7.86
CA ILE H 89 27.45 -17.98 -6.82
C ILE H 89 27.07 -19.41 -6.47
N LEU H 90 27.23 -19.75 -5.20
CA LEU H 90 26.83 -21.06 -4.71
C LEU H 90 25.64 -20.92 -3.77
N LEU H 91 24.57 -21.65 -4.07
CA LEU H 91 23.36 -21.60 -3.26
C LEU H 91 22.78 -22.99 -3.09
N PHE H 92 22.58 -23.41 -1.85
CA PHE H 92 22.06 -24.74 -1.57
C PHE H 92 21.30 -24.79 -0.25
N LYS H 93 20.48 -25.83 -0.09
CA LYS H 93 19.65 -25.98 1.10
C LYS H 93 20.13 -27.17 1.91
N SER H 94 20.35 -26.97 3.20
CA SER H 94 20.81 -28.02 4.09
C SER H 94 20.36 -27.75 5.51
N GLY H 95 19.37 -28.50 5.97
CA GLY H 95 18.75 -28.25 7.25
C GLY H 95 17.45 -27.48 7.05
N LYS I 11 30.65 -39.56 22.69
CA LYS I 11 30.58 -39.13 24.08
C LYS I 11 29.19 -39.39 24.66
N ALA I 12 29.14 -40.12 25.77
CA ALA I 12 27.88 -40.46 26.43
C ALA I 12 27.44 -39.40 27.44
N VAL I 13 26.20 -38.93 27.29
CA VAL I 13 25.63 -37.96 28.22
C VAL I 13 24.26 -38.44 28.68
N ILE I 14 24.17 -38.81 29.96
CA ILE I 14 22.91 -39.31 30.51
C ILE I 14 22.02 -38.17 31.01
N LYS I 15 20.89 -37.98 30.34
CA LYS I 15 19.94 -36.92 30.68
C LYS I 15 19.01 -37.37 31.79
N ASN I 16 18.46 -38.58 31.64
CA ASN I 16 17.55 -39.13 32.63
C ASN I 16 17.72 -40.64 32.72
N ALA I 17 17.67 -41.19 33.92
CA ALA I 17 17.86 -42.62 34.10
C ALA I 17 17.25 -43.16 35.39
N ASP I 18 16.52 -44.25 35.24
CA ASP I 18 16.09 -45.08 36.37
C ASP I 18 16.54 -46.49 36.05
N MET I 19 17.79 -46.79 36.39
CA MET I 19 18.41 -48.02 35.94
C MET I 19 19.71 -48.26 36.72
N SER I 20 20.11 -49.53 36.84
CA SER I 20 21.32 -49.88 37.56
C SER I 20 22.56 -49.40 36.80
N ASP I 21 23.64 -49.15 37.54
CA ASP I 21 24.87 -48.63 36.93
C ASP I 21 25.43 -49.58 35.89
N ASP I 22 25.34 -50.88 36.18
CA ASP I 22 25.82 -51.90 35.25
C ASP I 22 24.98 -51.90 33.97
N MET I 23 23.66 -51.86 34.14
CA MET I 23 22.73 -51.81 33.02
C MET I 23 22.89 -50.52 32.20
N GLN I 24 23.08 -49.40 32.89
CA GLN I 24 23.28 -48.12 32.22
C GLN I 24 24.50 -48.18 31.31
N GLN I 25 25.61 -48.70 31.85
CA GLN I 25 26.85 -48.82 31.09
C GLN I 25 26.68 -49.79 29.92
N ASP I 26 25.91 -50.85 30.14
CA ASP I 26 25.67 -51.83 29.09
C ASP I 26 24.82 -51.23 27.98
N ALA I 27 23.90 -50.34 28.37
CA ALA I 27 23.06 -49.65 27.40
C ALA I 27 23.90 -48.74 26.51
N ILE I 28 24.84 -48.03 27.12
CA ILE I 28 25.74 -47.14 26.40
C ILE I 28 26.65 -47.92 25.46
N ASP I 29 27.22 -49.02 25.96
CA ASP I 29 28.09 -49.88 25.17
C ASP I 29 27.35 -50.45 23.95
N CYS I 30 26.17 -50.98 24.20
CA CYS I 30 25.33 -51.55 23.14
C CYS I 30 24.98 -50.51 22.07
N ALA I 31 24.70 -49.29 22.52
CA ALA I 31 24.38 -48.20 21.60
C ALA I 31 25.62 -47.78 20.84
N THR I 32 26.77 -47.82 21.51
CA THR I 32 28.03 -47.47 20.87
C THR I 32 28.33 -48.44 19.73
N GLN I 33 28.07 -49.72 19.96
CA GLN I 33 28.22 -50.75 18.93
C GLN I 33 27.25 -50.50 17.78
N ALA I 34 26.02 -50.14 18.13
CA ALA I 34 24.97 -49.91 17.13
C ALA I 34 25.35 -48.77 16.18
N LEU I 35 25.87 -47.68 16.74
CA LEU I 35 26.27 -46.53 15.94
C LEU I 35 27.44 -46.84 15.02
N GLU I 36 28.31 -47.75 15.47
CA GLU I 36 29.47 -48.13 14.67
C GLU I 36 29.05 -49.01 13.50
N LYS I 37 27.96 -49.75 13.67
CA LYS I 37 27.48 -50.67 12.65
C LYS I 37 26.50 -50.03 11.68
N TYR I 38 25.60 -49.19 12.20
CA TYR I 38 24.53 -48.63 11.38
C TYR I 38 24.54 -47.10 11.36
N ASN I 39 23.99 -46.53 10.29
CA ASN I 39 23.88 -45.08 10.16
C ASN I 39 22.43 -44.61 10.19
N ILE I 40 21.51 -45.52 9.84
CA ILE I 40 20.10 -45.18 9.85
C ILE I 40 19.52 -45.36 11.26
N GLU I 41 18.84 -44.34 11.74
CA GLU I 41 18.29 -44.30 13.09
C GLU I 41 17.37 -45.51 13.32
N LYS I 42 16.63 -45.87 12.27
CA LYS I 42 15.72 -47.01 12.30
C LYS I 42 16.45 -48.33 12.58
N ASP I 43 17.63 -48.49 11.98
CA ASP I 43 18.42 -49.70 12.18
C ASP I 43 19.13 -49.69 13.52
N ILE I 44 19.62 -48.52 13.92
CA ILE I 44 20.28 -48.32 15.19
C ILE I 44 19.37 -48.69 16.36
N ALA I 45 18.10 -48.27 16.28
CA ALA I 45 17.12 -48.58 17.30
C ALA I 45 16.84 -50.07 17.37
N ALA I 46 16.78 -50.71 16.21
CA ALA I 46 16.50 -52.15 16.13
C ALA I 46 17.56 -52.97 16.85
N TYR I 47 18.83 -52.63 16.62
CA TYR I 47 19.94 -53.32 17.25
C TYR I 47 19.86 -53.24 18.77
N ILE I 48 19.65 -52.04 19.28
CA ILE I 48 19.60 -51.80 20.73
C ILE I 48 18.46 -52.56 21.40
N LYS I 49 17.27 -52.48 20.82
CA LYS I 49 16.11 -53.18 21.38
C LYS I 49 16.34 -54.69 21.43
N LYS I 50 16.72 -55.26 20.30
CA LYS I 50 16.92 -56.71 20.18
C LYS I 50 17.95 -57.21 21.17
N GLU I 51 19.03 -56.45 21.34
CA GLU I 51 20.10 -56.82 22.24
C GLU I 51 19.63 -56.86 23.69
N PHE I 52 18.80 -55.89 24.08
CA PHE I 52 18.31 -55.84 25.46
C PHE I 52 17.22 -56.86 25.71
N ASP I 53 16.49 -57.24 24.68
CA ASP I 53 15.53 -58.32 24.80
C ASP I 53 16.23 -59.64 25.10
N LYS I 54 17.38 -59.86 24.47
CA LYS I 54 18.16 -61.07 24.68
C LYS I 54 18.84 -61.11 26.05
N LYS I 55 19.53 -60.03 26.40
CA LYS I 55 20.28 -59.97 27.65
C LYS I 55 19.40 -59.86 28.88
N TYR I 56 18.41 -58.96 28.83
CA TYR I 56 17.63 -58.65 30.02
C TYR I 56 16.14 -58.91 29.85
N ASN I 57 15.81 -59.87 28.98
CA ASN I 57 14.43 -60.32 28.75
C ASN I 57 13.51 -59.26 28.14
N PRO I 58 12.50 -59.70 27.36
CA PRO I 58 11.46 -58.82 26.83
C PRO I 58 10.63 -58.21 27.96
N THR I 59 9.96 -57.08 27.73
CA THR I 59 9.89 -56.43 26.43
C THR I 59 10.44 -55.02 26.45
N TRP I 60 11.43 -54.76 25.60
CA TRP I 60 12.05 -53.43 25.55
C TRP I 60 11.59 -52.64 24.33
N HIS I 61 11.75 -51.32 24.41
CA HIS I 61 11.40 -50.43 23.32
C HIS I 61 12.48 -49.38 23.20
N CYS I 62 12.82 -49.00 21.97
CA CYS I 62 13.91 -48.07 21.77
C CYS I 62 13.60 -47.01 20.73
N ILE I 63 13.92 -45.76 21.06
CA ILE I 63 13.74 -44.63 20.16
C ILE I 63 15.08 -43.96 19.91
N VAL I 64 15.40 -43.76 18.64
CA VAL I 64 16.65 -43.15 18.24
C VAL I 64 16.42 -42.01 17.26
N GLY I 65 16.91 -40.82 17.59
CA GLY I 65 16.71 -39.67 16.73
C GLY I 65 17.26 -38.38 17.29
N ARG I 66 17.12 -37.30 16.53
CA ARG I 66 17.64 -36.00 16.92
C ARG I 66 16.51 -35.05 17.34
N ASN I 67 15.30 -35.34 16.89
CA ASN I 67 14.15 -34.49 17.23
C ASN I 67 12.87 -35.26 17.50
N PHE I 68 12.56 -35.46 18.78
CA PHE I 68 11.30 -36.07 19.17
C PHE I 68 10.98 -35.78 20.64
N GLY I 69 9.70 -35.88 20.98
CA GLY I 69 9.25 -35.78 22.34
C GLY I 69 8.46 -37.03 22.67
N SER I 70 8.41 -37.42 23.93
CA SER I 70 7.78 -38.68 24.29
C SER I 70 7.15 -38.69 25.67
N TYR I 71 6.15 -39.54 25.84
CA TYR I 71 5.59 -39.82 27.14
C TYR I 71 5.31 -41.32 27.22
N VAL I 72 6.12 -42.02 28.01
CA VAL I 72 6.05 -43.47 28.07
C VAL I 72 5.97 -43.96 29.51
N THR I 73 5.57 -45.22 29.67
CA THR I 73 5.54 -45.85 30.97
C THR I 73 6.50 -47.03 31.00
N HIS I 74 7.34 -47.09 32.02
CA HIS I 74 8.38 -48.11 32.10
C HIS I 74 8.36 -48.85 33.41
N GLU I 75 8.88 -50.08 33.40
CA GLU I 75 9.08 -50.82 34.63
C GLU I 75 10.18 -50.16 35.46
N THR I 76 10.06 -50.25 36.78
CA THR I 76 11.03 -49.63 37.66
C THR I 76 12.42 -50.20 37.41
N LYS I 77 13.44 -49.34 37.49
CA LYS I 77 14.83 -49.72 37.28
C LYS I 77 15.05 -50.25 35.86
N HIS I 78 14.22 -49.81 34.92
CA HIS I 78 14.35 -50.22 33.54
C HIS I 78 14.06 -49.07 32.57
N PHE I 79 14.76 -47.96 32.77
CA PHE I 79 14.58 -46.79 31.91
C PHE I 79 15.88 -46.00 31.83
N ILE I 80 16.27 -45.62 30.62
CA ILE I 80 17.42 -44.76 30.44
C ILE I 80 17.20 -43.86 29.22
N TYR I 81 17.61 -42.61 29.35
CA TYR I 81 17.52 -41.65 28.26
C TYR I 81 18.82 -40.85 28.21
N PHE I 82 19.54 -40.97 27.11
CA PHE I 82 20.88 -40.40 27.00
C PHE I 82 21.27 -40.07 25.57
N TYR I 83 22.34 -39.30 25.42
CA TYR I 83 22.90 -38.96 24.11
C TYR I 83 24.20 -39.68 23.82
N LEU I 84 24.36 -40.09 22.57
CA LEU I 84 25.65 -40.51 22.03
C LEU I 84 25.99 -39.64 20.83
N GLY I 85 26.84 -38.64 21.06
CA GLY I 85 27.12 -37.63 20.07
C GLY I 85 25.92 -36.73 19.89
N GLN I 86 25.40 -36.63 18.68
CA GLN I 86 24.25 -35.77 18.41
C GLN I 86 22.95 -36.57 18.41
N VAL I 87 23.03 -37.83 18.78
CA VAL I 87 21.86 -38.70 18.68
C VAL I 87 21.31 -39.05 20.05
N ALA I 88 20.00 -38.87 20.22
CA ALA I 88 19.33 -39.18 21.47
C ALA I 88 18.76 -40.58 21.42
N ILE I 89 18.89 -41.30 22.53
CA ILE I 89 18.45 -42.68 22.60
C ILE I 89 17.55 -42.88 23.80
N LEU I 90 16.33 -43.34 23.52
CA LEU I 90 15.38 -43.65 24.57
C LEU I 90 15.21 -45.15 24.62
N LEU I 91 15.45 -45.74 25.79
CA LEU I 91 15.37 -47.19 25.94
C LEU I 91 14.70 -47.53 27.25
N PHE I 92 13.63 -48.32 27.18
CA PHE I 92 12.87 -48.67 28.37
C PHE I 92 12.14 -50.00 28.20
N LYS I 93 11.75 -50.59 29.32
CA LYS I 93 11.09 -51.89 29.34
C LYS I 93 9.64 -51.73 29.77
N SER I 94 8.72 -52.28 28.97
CA SER I 94 7.29 -52.19 29.27
C SER I 94 6.54 -53.36 28.65
N GLY I 95 6.12 -54.31 29.49
CA GLY I 95 5.47 -55.51 29.00
C GLY I 95 6.45 -56.67 28.92
N ALA J 12 -3.65 -35.42 7.49
CA ALA J 12 -3.34 -36.68 8.15
C ALA J 12 -2.91 -37.74 7.15
N VAL J 13 -1.73 -38.33 7.37
CA VAL J 13 -1.22 -39.38 6.50
C VAL J 13 -0.75 -40.59 7.31
N ILE J 14 -1.46 -41.71 7.16
CA ILE J 14 -1.11 -42.93 7.88
C ILE J 14 -0.05 -43.74 7.12
N LYS J 15 1.13 -43.84 7.73
CA LYS J 15 2.24 -44.57 7.13
C LYS J 15 2.16 -46.07 7.45
N ASN J 16 1.86 -46.37 8.71
CA ASN J 16 1.73 -47.75 9.17
C ASN J 16 0.65 -47.86 10.24
N ALA J 17 -0.12 -48.93 10.18
CA ALA J 17 -1.19 -49.16 11.14
C ALA J 17 -1.55 -50.63 11.23
N ASP J 18 -1.59 -51.14 12.45
CA ASP J 18 -2.18 -52.43 12.76
C ASP J 18 -3.16 -52.12 13.87
N MET J 19 -4.35 -51.68 13.49
CA MET J 19 -5.29 -51.11 14.42
C MET J 19 -6.65 -51.01 13.75
N SER J 20 -7.73 -51.04 14.53
CA SER J 20 -9.06 -50.96 13.95
C SER J 20 -9.32 -49.58 13.38
N ASP J 21 -10.18 -49.53 12.36
CA ASP J 21 -10.52 -48.28 11.69
C ASP J 21 -11.15 -47.31 12.66
N ASP J 22 -11.94 -47.83 13.59
CA ASP J 22 -12.60 -47.02 14.60
C ASP J 22 -11.56 -46.35 15.48
N MET J 23 -10.60 -47.14 15.94
CA MET J 23 -9.49 -46.63 16.75
C MET J 23 -8.55 -45.68 16.00
N GLN J 24 -8.26 -45.99 14.74
CA GLN J 24 -7.39 -45.15 13.92
C GLN J 24 -7.94 -43.74 13.84
N GLN J 25 -9.23 -43.64 13.60
CA GLN J 25 -9.90 -42.34 13.53
C GLN J 25 -9.83 -41.60 14.86
N ASP J 26 -9.99 -42.33 15.96
CA ASP J 26 -9.95 -41.72 17.28
C ASP J 26 -8.56 -41.23 17.68
N ALA J 27 -7.54 -41.95 17.26
CA ALA J 27 -6.16 -41.56 17.53
C ALA J 27 -5.82 -40.25 16.83
N ILE J 28 -6.26 -40.14 15.58
CA ILE J 28 -6.05 -38.93 14.79
C ILE J 28 -6.78 -37.74 15.40
N ASP J 29 -8.04 -37.96 15.80
CA ASP J 29 -8.84 -36.91 16.43
C ASP J 29 -8.17 -36.41 17.70
N CYS J 30 -7.74 -37.35 18.54
CA CYS J 30 -7.06 -37.02 19.79
C CYS J 30 -5.78 -36.23 19.52
N ALA J 31 -5.07 -36.62 18.47
CA ALA J 31 -3.84 -35.94 18.09
C ALA J 31 -4.12 -34.54 17.54
N THR J 32 -5.24 -34.42 16.83
CA THR J 32 -5.66 -33.13 16.28
C THR J 32 -5.93 -32.16 17.42
N GLN J 33 -6.57 -32.66 18.47
CA GLN J 33 -6.83 -31.88 19.68
C GLN J 33 -5.55 -31.46 20.36
N ALA J 34 -4.59 -32.39 20.42
CA ALA J 34 -3.32 -32.14 21.09
C ALA J 34 -2.55 -30.97 20.46
N LEU J 35 -2.50 -30.94 19.14
CA LEU J 35 -1.78 -29.89 18.42
C LEU J 35 -2.43 -28.53 18.64
N GLU J 36 -3.75 -28.55 18.81
CA GLU J 36 -4.51 -27.32 19.03
C GLU J 36 -4.29 -26.77 20.43
N LYS J 37 -4.01 -27.66 21.39
CA LYS J 37 -3.83 -27.23 22.77
C LYS J 37 -2.35 -26.96 23.05
N TYR J 38 -1.47 -27.80 22.51
CA TYR J 38 -0.04 -27.69 22.79
C TYR J 38 0.82 -27.52 21.54
N ASN J 39 2.00 -26.92 21.72
CA ASN J 39 2.97 -26.73 20.63
C ASN J 39 4.22 -27.56 20.87
N ILE J 40 4.47 -27.89 22.14
CA ILE J 40 5.64 -28.67 22.53
C ILE J 40 5.42 -30.17 22.37
N GLU J 41 6.35 -30.83 21.69
CA GLU J 41 6.27 -32.26 21.41
C GLU J 41 6.14 -33.07 22.69
N LYS J 42 6.85 -32.62 23.72
CA LYS J 42 6.82 -33.25 25.04
C LYS J 42 5.41 -33.20 25.61
N ASP J 43 4.72 -32.08 25.40
CA ASP J 43 3.36 -31.91 25.88
C ASP J 43 2.32 -32.64 25.03
N ILE J 44 2.50 -32.60 23.71
CA ILE J 44 1.61 -33.27 22.77
C ILE J 44 1.55 -34.78 23.00
N ALA J 45 2.71 -35.39 23.22
CA ALA J 45 2.77 -36.82 23.48
C ALA J 45 2.11 -37.15 24.80
N ALA J 46 2.32 -36.29 25.80
CA ALA J 46 1.75 -36.50 27.13
C ALA J 46 0.22 -36.50 27.10
N TYR J 47 -0.35 -35.54 26.38
CA TYR J 47 -1.80 -35.46 26.24
C TYR J 47 -2.38 -36.72 25.61
N ILE J 48 -1.80 -37.14 24.49
CA ILE J 48 -2.30 -38.31 23.76
C ILE J 48 -2.20 -39.60 24.58
N LYS J 49 -1.05 -39.81 25.22
CA LYS J 49 -0.84 -41.01 26.02
C LYS J 49 -1.85 -41.11 27.17
N LYS J 50 -1.95 -40.03 27.94
CA LYS J 50 -2.86 -40.00 29.10
C LYS J 50 -4.29 -40.24 28.67
N GLU J 51 -4.66 -39.66 27.53
CA GLU J 51 -6.02 -39.77 27.01
C GLU J 51 -6.34 -41.22 26.68
N PHE J 52 -5.38 -41.91 26.09
CA PHE J 52 -5.59 -43.30 25.71
C PHE J 52 -5.49 -44.24 26.91
N ASP J 53 -4.69 -43.87 27.90
CA ASP J 53 -4.64 -44.62 29.15
C ASP J 53 -5.94 -44.50 29.94
N LYS J 54 -6.52 -43.29 29.95
CA LYS J 54 -7.75 -43.05 30.67
C LYS J 54 -8.92 -43.74 29.98
N LYS J 55 -9.01 -43.53 28.67
CA LYS J 55 -10.10 -44.07 27.87
C LYS J 55 -9.98 -45.57 27.64
N TYR J 56 -8.79 -46.04 27.28
CA TYR J 56 -8.64 -47.41 26.82
C TYR J 56 -7.68 -48.26 27.64
N ASN J 57 -7.53 -47.92 28.92
CA ASN J 57 -6.67 -48.65 29.85
C ASN J 57 -5.18 -48.56 29.53
N PRO J 58 -4.33 -48.63 30.57
CA PRO J 58 -2.88 -48.73 30.41
C PRO J 58 -2.51 -50.03 29.69
N THR J 59 -1.35 -50.13 29.07
CA THR J 59 -0.34 -49.08 29.07
C THR J 59 0.03 -48.61 27.66
N TRP J 60 -0.15 -47.32 27.41
CA TRP J 60 0.16 -46.74 26.11
C TRP J 60 1.45 -45.94 26.12
N HIS J 61 2.02 -45.75 24.94
CA HIS J 61 3.24 -44.96 24.79
C HIS J 61 3.13 -44.10 23.55
N CYS J 62 3.64 -42.88 23.62
CA CYS J 62 3.51 -41.94 22.51
C CYS J 62 4.80 -41.20 22.21
N ILE J 63 5.13 -41.14 20.92
CA ILE J 63 6.30 -40.41 20.46
C ILE J 63 5.86 -39.33 19.47
N VAL J 64 6.30 -38.10 19.71
CA VAL J 64 5.96 -36.98 18.84
C VAL J 64 7.23 -36.22 18.45
N GLY J 65 7.46 -36.08 17.15
CA GLY J 65 8.66 -35.43 16.68
C GLY J 65 8.82 -35.42 15.17
N ARG J 66 9.91 -34.82 14.70
CA ARG J 66 10.17 -34.68 13.28
C ARG J 66 11.27 -35.59 12.79
N ASN J 67 12.15 -35.99 13.70
CA ASN J 67 13.28 -36.84 13.35
C ASN J 67 13.59 -37.88 14.42
N PHE J 68 13.12 -39.11 14.19
CA PHE J 68 13.44 -40.21 15.07
C PHE J 68 13.21 -41.54 14.37
N GLY J 69 13.88 -42.58 14.87
CA GLY J 69 13.67 -43.93 14.40
C GLY J 69 13.33 -44.78 15.61
N SER J 70 12.62 -45.87 15.38
CA SER J 70 12.14 -46.66 16.51
C SER J 70 12.02 -48.14 16.19
N TYR J 71 12.14 -48.94 17.25
CA TYR J 71 11.85 -50.36 17.16
C TYR J 71 11.12 -50.72 18.45
N VAL J 72 9.82 -50.97 18.33
CA VAL J 72 8.99 -51.21 19.50
C VAL J 72 8.17 -52.49 19.35
N THR J 73 7.65 -52.98 20.46
CA THR J 73 6.76 -54.13 20.44
C THR J 73 5.39 -53.72 20.95
N HIS J 74 4.36 -54.05 20.19
CA HIS J 74 3.01 -53.61 20.52
C HIS J 74 2.04 -54.78 20.56
N GLU J 75 0.95 -54.61 21.29
CA GLU J 75 -0.12 -55.59 21.23
C GLU J 75 -0.73 -55.50 19.85
N THR J 76 -1.18 -56.64 19.31
CA THR J 76 -1.77 -56.66 17.99
C THR J 76 -3.04 -55.82 17.99
N LYS J 77 -3.30 -55.14 16.87
CA LYS J 77 -4.47 -54.27 16.71
C LYS J 77 -4.44 -53.11 17.71
N HIS J 78 -3.24 -52.74 18.14
CA HIS J 78 -3.06 -51.62 19.06
C HIS J 78 -1.79 -50.85 18.71
N PHE J 79 -1.67 -50.44 17.45
CA PHE J 79 -0.49 -49.72 17.01
C PHE J 79 -0.81 -48.77 15.87
N ILE J 80 -0.32 -47.54 15.96
CA ILE J 80 -0.49 -46.58 14.88
C ILE J 80 0.71 -45.65 14.74
N TYR J 81 1.09 -45.37 13.49
CA TYR J 81 2.15 -44.44 13.18
C TYR J 81 1.73 -43.58 11.99
N PHE J 82 1.63 -42.26 12.21
CA PHE J 82 1.08 -41.37 11.19
C PHE J 82 1.63 -39.95 11.30
N TYR J 83 1.42 -39.16 10.25
CA TYR J 83 1.80 -37.75 10.24
C TYR J 83 0.59 -36.83 10.35
N LEU J 84 0.76 -35.76 11.11
CA LEU J 84 -0.18 -34.64 11.08
C LEU J 84 0.54 -33.36 10.67
N GLY J 85 0.47 -33.01 9.39
CA GLY J 85 1.24 -31.89 8.90
C GLY J 85 2.73 -32.19 8.91
N GLN J 86 3.47 -31.41 9.68
CA GLN J 86 4.92 -31.53 9.73
C GLN J 86 5.38 -32.40 10.91
N VAL J 87 4.43 -32.96 11.64
CA VAL J 87 4.74 -33.72 12.84
C VAL J 87 4.39 -35.21 12.73
N ALA J 88 5.34 -36.06 13.10
CA ALA J 88 5.10 -37.51 13.11
C ALA J 88 4.69 -37.98 14.50
N ILE J 89 3.70 -38.87 14.56
CA ILE J 89 3.20 -39.36 15.84
C ILE J 89 3.13 -40.88 15.89
N LEU J 90 3.81 -41.46 16.88
CA LEU J 90 3.81 -42.90 17.10
C LEU J 90 3.04 -43.24 18.38
N LEU J 91 2.04 -44.11 18.26
CA LEU J 91 1.22 -44.48 19.41
C LEU J 91 0.94 -45.97 19.42
N PHE J 92 1.29 -46.63 20.53
CA PHE J 92 1.11 -48.07 20.66
C PHE J 92 0.94 -48.49 22.11
N LYS J 93 0.39 -49.69 22.30
CA LYS J 93 0.12 -50.23 23.62
C LYS J 93 1.04 -51.39 23.93
N SER J 94 1.71 -51.35 25.09
CA SER J 94 2.61 -52.43 25.48
C SER J 94 2.76 -52.49 27.00
N GLY J 95 2.15 -53.50 27.61
CA GLY J 95 2.13 -53.63 29.05
C GLY J 95 0.85 -53.09 29.66
N PHE K 6 -0.74 -62.26 21.18
CA PHE K 6 0.57 -62.23 20.53
C PHE K 6 1.08 -60.80 20.41
N MET K 7 2.40 -60.66 20.42
CA MET K 7 3.04 -59.36 20.29
C MET K 7 3.66 -59.18 18.91
N GLN K 8 3.53 -57.97 18.37
CA GLN K 8 4.06 -57.66 17.04
C GLN K 8 5.18 -56.63 17.14
N HIS K 9 6.15 -56.75 16.24
CA HIS K 9 7.26 -55.81 16.20
C HIS K 9 7.04 -54.73 15.14
N ALA K 10 7.42 -53.50 15.47
CA ALA K 10 7.26 -52.38 14.56
C ALA K 10 8.57 -51.62 14.40
N ASN K 11 8.97 -51.40 13.15
CA ASN K 11 10.19 -50.67 12.85
C ASN K 11 9.90 -49.50 11.93
N VAL K 12 9.64 -48.34 12.52
CA VAL K 12 9.26 -47.16 11.75
C VAL K 12 10.15 -45.97 12.08
N ALA K 13 10.29 -45.08 11.11
CA ALA K 13 11.12 -43.88 11.28
C ALA K 13 10.57 -42.72 10.46
N THR K 14 10.91 -41.50 10.86
CA THR K 14 10.51 -40.30 10.15
C THR K 14 11.08 -40.35 8.73
N ASP K 15 10.45 -39.66 7.79
CA ASP K 15 10.90 -39.71 6.41
C ASP K 15 12.34 -39.22 6.24
N GLN K 16 13.10 -39.96 5.44
CA GLN K 16 14.48 -39.60 5.14
C GLN K 16 14.59 -38.60 4.00
N VAL K 17 15.27 -37.49 4.27
CA VAL K 17 15.55 -36.48 3.26
C VAL K 17 16.86 -36.83 2.56
N VAL K 18 16.81 -37.21 1.29
CA VAL K 18 18.02 -37.64 0.60
C VAL K 18 18.99 -36.49 0.44
N MET K 19 20.22 -36.72 0.91
CA MET K 19 21.27 -35.70 0.88
C MET K 19 22.34 -36.06 -0.14
N LYS K 20 22.92 -35.04 -0.76
CA LYS K 20 24.00 -35.24 -1.73
C LYS K 20 25.16 -34.30 -1.43
N SER K 21 26.39 -34.79 -1.61
CA SER K 21 27.57 -33.95 -1.45
C SER K 21 28.15 -33.62 -2.81
N VAL K 22 28.65 -32.39 -2.98
CA VAL K 22 29.13 -31.94 -4.27
C VAL K 22 30.30 -30.96 -4.15
N GLU K 23 31.21 -31.01 -5.11
CA GLU K 23 32.35 -30.11 -5.16
C GLU K 23 32.10 -28.93 -6.09
N CYS K 24 32.62 -27.77 -5.71
CA CYS K 24 32.57 -26.60 -6.57
C CYS K 24 33.92 -25.90 -6.54
N GLN K 25 34.38 -25.46 -7.70
CA GLN K 25 35.64 -24.72 -7.78
C GLN K 25 35.52 -23.58 -8.77
N THR K 26 35.86 -22.37 -8.34
CA THR K 26 35.80 -21.23 -9.24
C THR K 26 36.89 -21.36 -10.30
N GLU K 27 36.61 -20.83 -11.48
CA GLU K 27 37.58 -20.85 -12.57
C GLU K 27 38.60 -19.72 -12.39
N PRO K 28 39.83 -19.92 -12.89
CA PRO K 28 40.86 -18.89 -12.77
C PRO K 28 40.52 -17.62 -13.55
N PHE L 6 5.84 -52.09 40.13
CA PHE L 6 5.21 -50.82 39.82
C PHE L 6 5.71 -50.26 38.50
N MET L 7 4.85 -49.50 37.82
CA MET L 7 5.21 -48.87 36.56
C MET L 7 5.42 -47.38 36.75
N GLN L 8 6.42 -46.82 36.09
CA GLN L 8 6.71 -45.39 36.22
C GLN L 8 6.53 -44.66 34.90
N HIS L 9 6.11 -43.40 34.99
CA HIS L 9 5.91 -42.58 33.79
C HIS L 9 7.12 -41.70 33.52
N ALA L 10 7.45 -41.54 32.24
CA ALA L 10 8.60 -40.74 31.83
C ALA L 10 8.21 -39.71 30.76
N ASN L 11 8.58 -38.46 30.99
CA ASN L 11 8.29 -37.39 30.04
C ASN L 11 9.56 -36.67 29.62
N VAL L 12 10.19 -37.16 28.55
CA VAL L 12 11.45 -36.60 28.09
C VAL L 12 11.39 -36.27 26.61
N ALA L 13 12.21 -35.31 26.19
CA ALA L 13 12.25 -34.87 24.79
C ALA L 13 13.66 -34.44 24.40
N THR L 14 13.95 -34.51 23.11
CA THR L 14 15.27 -34.12 22.62
C THR L 14 15.57 -32.65 22.84
N ASP L 15 16.84 -32.34 23.00
CA ASP L 15 17.29 -30.96 23.14
C ASP L 15 16.98 -30.20 21.85
N GLN L 16 16.60 -28.94 21.97
CA GLN L 16 16.33 -28.12 20.79
C GLN L 16 17.65 -27.68 20.18
N VAL L 17 17.79 -27.92 18.88
CA VAL L 17 19.01 -27.53 18.18
C VAL L 17 18.94 -26.10 17.67
N VAL L 18 19.60 -25.20 18.39
CA VAL L 18 19.60 -23.77 18.08
C VAL L 18 20.41 -23.42 16.84
N MET L 19 19.80 -22.67 15.93
CA MET L 19 20.49 -22.27 14.71
C MET L 19 20.85 -20.79 14.76
N LYS L 20 22.00 -20.45 14.18
CA LYS L 20 22.46 -19.06 14.09
C LYS L 20 22.90 -18.75 12.67
N SER L 21 22.61 -17.53 12.22
CA SER L 21 23.08 -17.10 10.91
C SER L 21 24.21 -16.10 11.05
N VAL L 22 25.18 -16.18 10.15
CA VAL L 22 26.36 -15.33 10.23
C VAL L 22 26.86 -15.01 8.83
N GLU L 23 27.38 -13.81 8.66
CA GLU L 23 27.99 -13.39 7.40
C GLU L 23 29.51 -13.47 7.48
N CYS L 24 30.14 -13.82 6.36
CA CYS L 24 31.60 -13.86 6.29
C CYS L 24 32.08 -13.15 5.02
N GLN L 25 33.16 -12.39 5.14
CA GLN L 25 33.73 -11.70 3.99
C GLN L 25 35.24 -11.80 3.99
N THR L 26 35.81 -12.25 2.88
CA THR L 26 37.27 -12.35 2.76
C THR L 26 37.90 -10.98 2.76
N GLU L 27 39.16 -10.91 3.19
CA GLU L 27 39.89 -9.65 3.25
C GLU L 27 40.32 -9.21 1.86
N PRO L 28 40.45 -7.89 1.66
CA PRO L 28 40.90 -7.37 0.37
C PRO L 28 42.34 -7.78 0.08
N VAL L 29 42.60 -8.27 -1.12
CA VAL L 29 43.92 -8.78 -1.49
C VAL L 29 44.77 -7.69 -2.13
N ARG M 10 -6.54 14.02 -3.49
CA ARG M 10 -5.21 13.49 -3.21
C ARG M 10 -5.29 12.28 -2.29
N LYS M 11 -4.61 11.20 -2.66
CA LYS M 11 -4.66 9.97 -1.88
C LYS M 11 -3.59 9.93 -0.79
N ALA M 12 -4.03 9.76 0.45
CA ALA M 12 -3.13 9.65 1.58
C ALA M 12 -2.73 8.18 1.81
N VAL M 13 -1.42 7.92 1.83
CA VAL M 13 -0.94 6.56 2.07
C VAL M 13 0.15 6.51 3.14
N ILE M 14 -0.15 5.91 4.28
CA ILE M 14 0.82 5.82 5.37
C ILE M 14 1.72 4.61 5.20
N LYS M 15 3.01 4.86 4.97
CA LYS M 15 3.97 3.78 4.75
C LYS M 15 4.49 3.22 6.08
N ASN M 16 4.88 4.10 6.98
CA ASN M 16 5.38 3.69 8.29
C ASN M 16 5.05 4.75 9.34
N ALA M 17 4.71 4.32 10.54
CA ALA M 17 4.33 5.25 11.60
C ALA M 17 4.50 4.69 13.01
N ASP M 18 5.09 5.50 13.88
CA ASP M 18 5.09 5.23 15.32
C ASP M 18 4.56 6.47 16.02
N MET M 19 3.24 6.60 16.10
CA MET M 19 2.65 7.85 16.55
C MET M 19 1.15 7.63 16.81
N SER M 20 0.53 8.41 17.68
CA SER M 20 -0.89 8.23 17.99
C SER M 20 -1.79 8.62 16.81
N ASP M 21 -2.97 8.02 16.75
CA ASP M 21 -3.90 8.22 15.63
C ASP M 21 -4.37 9.66 15.44
N ASP M 22 -4.60 10.37 16.53
CA ASP M 22 -5.01 11.76 16.46
C ASP M 22 -3.87 12.56 15.88
N MET M 23 -2.68 12.28 16.40
CA MET M 23 -1.46 12.94 15.94
C MET M 23 -1.14 12.65 14.46
N GLN M 24 -1.33 11.42 14.04
CA GLN M 24 -1.09 11.04 12.64
C GLN M 24 -1.97 11.81 11.67
N GLN M 25 -3.27 11.87 11.97
CA GLN M 25 -4.23 12.58 11.14
C GLN M 25 -3.89 14.06 11.08
N ASP M 26 -3.38 14.57 12.19
CA ASP M 26 -2.98 15.96 12.28
C ASP M 26 -1.80 16.24 11.35
N ALA M 27 -0.92 15.26 11.22
CA ALA M 27 0.21 15.37 10.32
C ALA M 27 -0.24 15.44 8.87
N ILE M 28 -1.20 14.58 8.52
CA ILE M 28 -1.76 14.55 7.17
C ILE M 28 -2.49 15.86 6.86
N ASP M 29 -3.29 16.33 7.82
CA ASP M 29 -4.00 17.60 7.66
C ASP M 29 -3.02 18.75 7.46
N CYS M 30 -2.00 18.78 8.31
CA CYS M 30 -0.96 19.79 8.25
C CYS M 30 -0.24 19.79 6.91
N ALA M 31 0.02 18.58 6.39
CA ALA M 31 0.65 18.43 5.10
C ALA M 31 -0.29 18.81 3.97
N THR M 32 -1.57 18.52 4.15
CA THR M 32 -2.59 18.85 3.16
C THR M 32 -2.67 20.36 2.94
N GLN M 33 -2.62 21.10 4.03
CA GLN M 33 -2.62 22.56 3.98
C GLN M 33 -1.37 23.09 3.26
N ALA M 34 -0.22 22.49 3.56
CA ALA M 34 1.04 22.90 2.99
C ALA M 34 1.02 22.76 1.47
N LEU M 35 0.49 21.64 0.99
CA LEU M 35 0.41 21.40 -0.44
C LEU M 35 -0.53 22.37 -1.13
N GLU M 36 -1.54 22.83 -0.41
CA GLU M 36 -2.50 23.78 -0.95
C GLU M 36 -1.89 25.17 -1.05
N LYS M 37 -0.97 25.48 -0.14
CA LYS M 37 -0.36 26.81 -0.12
C LYS M 37 0.94 26.85 -0.94
N TYR M 38 1.73 25.79 -0.83
CA TYR M 38 3.06 25.77 -1.44
C TYR M 38 3.23 24.64 -2.44
N ASN M 39 4.14 24.83 -3.38
CA ASN M 39 4.51 23.78 -4.34
C ASN M 39 5.97 23.35 -4.19
N ILE M 40 6.79 24.20 -3.61
CA ILE M 40 8.19 23.87 -3.39
C ILE M 40 8.31 23.03 -2.13
N GLU M 41 8.98 21.89 -2.25
CA GLU M 41 9.09 20.91 -1.18
C GLU M 41 9.68 21.46 0.11
N LYS M 42 10.67 22.34 -0.04
CA LYS M 42 11.32 22.98 1.11
C LYS M 42 10.35 23.80 1.95
N ASP M 43 9.44 24.49 1.28
CA ASP M 43 8.45 25.32 1.95
C ASP M 43 7.38 24.44 2.60
N ILE M 44 7.02 23.36 1.91
CA ILE M 44 6.07 22.39 2.41
C ILE M 44 6.57 21.78 3.72
N ALA M 45 7.85 21.40 3.73
CA ALA M 45 8.48 20.81 4.91
C ALA M 45 8.60 21.82 6.05
N ALA M 46 8.92 23.06 5.70
CA ALA M 46 9.10 24.12 6.69
C ALA M 46 7.83 24.38 7.49
N TYR M 47 6.70 24.45 6.79
CA TYR M 47 5.40 24.67 7.41
C TYR M 47 5.07 23.58 8.43
N ILE M 48 5.23 22.33 8.01
CA ILE M 48 4.89 21.18 8.84
C ILE M 48 5.72 21.16 10.12
N LYS M 49 7.02 21.39 9.97
CA LYS M 49 7.94 21.41 11.11
C LYS M 49 7.54 22.48 12.12
N LYS M 50 7.36 23.70 11.62
CA LYS M 50 7.01 24.84 12.47
C LYS M 50 5.70 24.58 13.22
N GLU M 51 4.74 24.01 12.51
CA GLU M 51 3.43 23.73 13.07
C GLU M 51 3.49 22.71 14.21
N PHE M 52 4.30 21.67 14.02
CA PHE M 52 4.41 20.61 15.00
C PHE M 52 5.28 20.98 16.19
N ASP M 53 6.22 21.89 15.96
CA ASP M 53 7.03 22.43 17.05
C ASP M 53 6.17 23.23 18.02
N LYS M 54 5.21 23.98 17.49
CA LYS M 54 4.31 24.74 18.34
C LYS M 54 3.26 23.84 19.00
N LYS M 55 2.66 22.95 18.20
CA LYS M 55 1.58 22.09 18.69
C LYS M 55 2.07 21.04 19.68
N TYR M 56 3.17 20.37 19.34
CA TYR M 56 3.63 19.23 20.14
C TYR M 56 5.08 19.41 20.64
N ASN M 57 5.49 20.67 20.78
CA ASN M 57 6.81 21.05 21.31
C ASN M 57 8.00 20.61 20.44
N PRO M 58 9.10 21.37 20.49
CA PRO M 58 10.36 21.03 19.82
C PRO M 58 10.95 19.72 20.36
N THR M 59 11.80 19.04 19.58
CA THR M 59 12.25 19.52 18.28
C THR M 59 11.90 18.56 17.16
N TRP M 60 11.17 19.05 16.15
CA TRP M 60 10.73 18.22 15.03
C TRP M 60 11.56 18.43 13.77
N HIS M 61 11.51 17.45 12.88
CA HIS M 61 12.22 17.51 11.61
C HIS M 61 11.34 16.95 10.51
N CYS M 62 11.39 17.56 9.32
CA CYS M 62 10.51 17.13 8.24
C CYS M 62 11.22 17.04 6.90
N ILE M 63 10.98 15.94 6.19
CA ILE M 63 11.55 15.74 4.86
C ILE M 63 10.45 15.52 3.83
N VAL M 64 10.50 16.26 2.74
CA VAL M 64 9.48 16.17 1.69
C VAL M 64 10.13 16.04 0.31
N GLY M 65 9.74 14.99 -0.42
CA GLY M 65 10.30 14.76 -1.75
C GLY M 65 9.79 13.47 -2.37
N ARG M 66 10.21 13.20 -3.60
CA ARG M 66 9.75 11.99 -4.31
C ARG M 66 10.84 10.92 -4.40
N ASN M 67 12.10 11.32 -4.24
CA ASN M 67 13.20 10.36 -4.31
C ASN M 67 14.27 10.62 -3.26
N PHE M 68 14.18 9.88 -2.16
CA PHE M 68 15.19 9.92 -1.12
C PHE M 68 15.11 8.69 -0.22
N GLY M 69 16.22 8.40 0.45
CA GLY M 69 16.27 7.35 1.46
C GLY M 69 16.81 7.96 2.73
N SER M 70 16.47 7.39 3.87
CA SER M 70 16.85 8.01 5.13
C SER M 70 17.07 7.01 6.27
N TYR M 71 17.88 7.41 7.23
CA TYR M 71 18.04 6.68 8.48
C TYR M 71 18.15 7.70 9.61
N VAL M 72 17.09 7.80 10.41
CA VAL M 72 17.03 8.81 11.45
C VAL M 72 16.64 8.20 12.80
N THR M 73 16.88 8.95 13.87
CA THR M 73 16.48 8.53 15.20
C THR M 73 15.45 9.48 15.80
N HIS M 74 14.36 8.91 16.30
CA HIS M 74 13.25 9.70 16.83
C HIS M 74 12.87 9.24 18.23
N GLU M 75 12.25 10.13 19.00
CA GLU M 75 11.67 9.75 20.27
C GLU M 75 10.46 8.85 20.03
N THR M 76 10.18 7.96 20.96
CA THR M 76 9.09 7.02 20.82
C THR M 76 7.74 7.71 20.66
N LYS M 77 6.88 7.12 19.82
CA LYS M 77 5.55 7.62 19.54
C LYS M 77 5.58 9.01 18.89
N HIS M 78 6.66 9.30 18.17
CA HIS M 78 6.79 10.58 17.49
C HIS M 78 7.46 10.42 16.12
N PHE M 79 6.90 9.57 15.27
CA PHE M 79 7.44 9.33 13.93
C PHE M 79 6.35 8.94 12.93
N ILE M 80 6.38 9.56 11.76
CA ILE M 80 5.47 9.19 10.69
C ILE M 80 6.10 9.39 9.31
N TYR M 81 5.83 8.47 8.40
CA TYR M 81 6.29 8.55 7.01
C TYR M 81 5.18 8.12 6.07
N PHE M 82 4.76 9.02 5.19
CA PHE M 82 3.58 8.77 4.35
C PHE M 82 3.65 9.49 3.01
N TYR M 83 2.79 9.10 2.08
CA TYR M 83 2.69 9.78 0.79
C TYR M 83 1.41 10.61 0.69
N LEU M 84 1.51 11.77 0.05
CA LEU M 84 0.34 12.53 -0.37
C LEU M 84 0.38 12.74 -1.88
N GLY M 85 -0.34 11.89 -2.61
CA GLY M 85 -0.25 11.88 -4.06
C GLY M 85 1.08 11.34 -4.53
N GLN M 86 1.83 12.18 -5.24
CA GLN M 86 3.12 11.79 -5.81
C GLN M 86 4.27 12.21 -4.90
N VAL M 87 3.95 12.74 -3.73
CA VAL M 87 4.94 13.26 -2.80
C VAL M 87 5.08 12.44 -1.53
N ALA M 88 6.31 12.11 -1.16
CA ALA M 88 6.60 11.39 0.08
C ALA M 88 6.96 12.36 1.19
N ILE M 89 6.45 12.12 2.40
CA ILE M 89 6.69 13.03 3.52
C ILE M 89 7.16 12.32 4.78
N LEU M 90 8.31 12.74 5.29
CA LEU M 90 8.87 12.21 6.53
C LEU M 90 8.84 13.23 7.66
N LEU M 91 8.27 12.83 8.79
CA LEU M 91 8.17 13.74 9.94
C LEU M 91 8.47 13.06 11.26
N PHE M 92 9.41 13.62 12.01
CA PHE M 92 9.78 13.05 13.30
C PHE M 92 10.35 14.07 14.28
N LYS M 93 10.30 13.72 15.57
CA LYS M 93 10.74 14.58 16.66
C LYS M 93 11.98 14.01 17.32
N SER M 94 13.01 14.84 17.46
CA SER M 94 14.26 14.40 18.09
C SER M 94 15.01 15.56 18.72
N GLY M 95 14.97 15.62 20.05
CA GLY M 95 15.55 16.74 20.77
C GLY M 95 14.49 17.76 21.17
N VAL N 8 33.59 5.52 -11.84
CA VAL N 8 34.20 5.32 -10.54
C VAL N 8 34.34 6.64 -9.79
N ASP N 9 34.39 7.74 -10.53
CA ASP N 9 34.58 9.05 -9.92
C ASP N 9 33.27 9.84 -9.80
N ARG N 10 33.16 10.59 -8.71
CA ARG N 10 32.00 11.43 -8.46
C ARG N 10 32.45 12.79 -7.96
N LYS N 11 31.77 13.85 -8.38
CA LYS N 11 32.17 15.20 -8.00
C LYS N 11 31.55 15.64 -6.68
N ALA N 12 32.40 16.04 -5.73
CA ALA N 12 31.91 16.50 -4.44
C ALA N 12 31.63 18.00 -4.48
N VAL N 13 30.40 18.38 -4.15
CA VAL N 13 30.00 19.78 -4.11
C VAL N 13 29.26 20.10 -2.81
N ILE N 14 29.87 20.90 -1.94
CA ILE N 14 29.24 21.25 -0.68
C ILE N 14 28.35 22.48 -0.86
N LYS N 15 27.04 22.27 -0.72
CA LYS N 15 26.07 23.34 -0.91
C LYS N 15 25.89 24.20 0.33
N ASN N 16 25.73 23.56 1.47
CA ASN N 16 25.58 24.28 2.74
C ASN N 16 26.20 23.46 3.87
N ALA N 17 26.86 24.15 4.80
CA ALA N 17 27.53 23.46 5.89
C ALA N 17 27.76 24.36 7.11
N ASP N 18 27.45 23.84 8.29
CA ASP N 18 27.86 24.46 9.54
C ASP N 18 28.61 23.42 10.35
N MET N 19 29.90 23.27 10.05
CA MET N 19 30.67 22.16 10.59
C MET N 19 32.16 22.38 10.31
N SER N 20 33.04 21.79 11.12
CA SER N 20 34.48 21.97 10.93
C SER N 20 34.95 21.30 9.64
N ASP N 21 36.04 21.81 9.08
CA ASP N 21 36.57 21.34 7.79
C ASP N 21 36.96 19.86 7.79
N ASP N 22 37.52 19.41 8.91
CA ASP N 22 37.92 18.01 9.03
C ASP N 22 36.69 17.11 9.03
N MET N 23 35.68 17.52 9.78
CA MET N 23 34.42 16.79 9.85
C MET N 23 33.74 16.74 8.48
N GLN N 24 33.76 17.85 7.76
CA GLN N 24 33.18 17.94 6.42
C GLN N 24 33.82 16.94 5.46
N GLN N 25 35.14 16.90 5.45
CA GLN N 25 35.88 16.00 4.57
C GLN N 25 35.58 14.55 4.94
N ASP N 26 35.44 14.29 6.23
CA ASP N 26 35.15 12.94 6.72
C ASP N 26 33.75 12.51 6.27
N ALA N 27 32.82 13.45 6.21
CA ALA N 27 31.47 13.17 5.74
C ALA N 27 31.50 12.75 4.27
N ILE N 28 32.30 13.45 3.48
CA ILE N 28 32.45 13.14 2.07
C ILE N 28 33.09 11.76 1.88
N ASP N 29 34.15 11.51 2.63
CA ASP N 29 34.84 10.21 2.59
C ASP N 29 33.91 9.09 3.03
N CYS N 30 33.22 9.31 4.14
CA CYS N 30 32.29 8.33 4.68
C CYS N 30 31.18 8.00 3.69
N ALA N 31 30.70 9.04 3.00
CA ALA N 31 29.67 8.85 1.98
C ALA N 31 30.24 8.16 0.74
N THR N 32 31.50 8.46 0.45
CA THR N 32 32.19 7.86 -0.69
C THR N 32 32.28 6.34 -0.54
N GLN N 33 32.60 5.91 0.68
CA GLN N 33 32.65 4.50 1.01
C GLN N 33 31.29 3.86 0.83
N ALA N 34 30.25 4.57 1.28
CA ALA N 34 28.88 4.09 1.19
C ALA N 34 28.46 3.83 -0.25
N LEU N 35 28.80 4.75 -1.14
CA LEU N 35 28.44 4.62 -2.54
C LEU N 35 29.16 3.43 -3.20
N GLU N 36 30.36 3.13 -2.73
CA GLU N 36 31.12 2.00 -3.26
C GLU N 36 30.53 0.68 -2.78
N LYS N 37 29.96 0.69 -1.59
CA LYS N 37 29.43 -0.52 -0.97
C LYS N 37 27.97 -0.78 -1.30
N TYR N 38 27.16 0.29 -1.31
CA TYR N 38 25.71 0.12 -1.46
C TYR N 38 25.15 0.86 -2.67
N ASN N 39 24.02 0.36 -3.17
CA ASN N 39 23.34 0.96 -4.30
C ASN N 39 21.98 1.54 -3.90
N ILE N 40 21.43 1.02 -2.81
CA ILE N 40 20.15 1.47 -2.29
C ILE N 40 20.38 2.70 -1.41
N GLU N 41 19.64 3.77 -1.68
CA GLU N 41 19.82 5.04 -1.00
C GLU N 41 19.66 4.99 0.52
N LYS N 42 18.68 4.22 0.97
CA LYS N 42 18.42 4.06 2.40
C LYS N 42 19.62 3.44 3.13
N ASP N 43 20.28 2.50 2.48
CA ASP N 43 21.44 1.82 3.06
C ASP N 43 22.63 2.77 3.09
N ILE N 44 22.76 3.56 2.03
CA ILE N 44 23.80 4.57 1.94
C ILE N 44 23.68 5.55 3.10
N ALA N 45 22.45 5.96 3.39
CA ALA N 45 22.17 6.87 4.50
C ALA N 45 22.46 6.20 5.84
N ALA N 46 22.11 4.93 5.95
CA ALA N 46 22.30 4.17 7.19
C ALA N 46 23.77 4.07 7.56
N TYR N 47 24.61 3.78 6.58
CA TYR N 47 26.04 3.67 6.79
C TYR N 47 26.62 4.96 7.35
N ILE N 48 26.28 6.08 6.71
CA ILE N 48 26.77 7.39 7.10
C ILE N 48 26.33 7.77 8.51
N LYS N 49 25.05 7.57 8.80
CA LYS N 49 24.49 7.89 10.12
C LYS N 49 25.18 7.08 11.21
N LYS N 50 25.26 5.77 11.02
CA LYS N 50 25.86 4.88 12.00
C LYS N 50 27.31 5.25 12.28
N GLU N 51 28.04 5.57 11.23
CA GLU N 51 29.46 5.92 11.34
C GLU N 51 29.67 7.19 12.16
N PHE N 52 28.81 8.19 11.95
CA PHE N 52 28.95 9.46 12.64
C PHE N 52 28.45 9.36 14.08
N ASP N 53 27.51 8.45 14.30
CA ASP N 53 27.06 8.15 15.65
C ASP N 53 28.20 7.54 16.46
N LYS N 54 29.00 6.71 15.79
CA LYS N 54 30.15 6.07 16.42
C LYS N 54 31.26 7.09 16.69
N LYS N 55 31.60 7.87 15.67
CA LYS N 55 32.71 8.81 15.75
C LYS N 55 32.44 10.04 16.62
N TYR N 56 31.27 10.66 16.44
CA TYR N 56 31.01 11.95 17.05
C TYR N 56 29.77 11.98 17.93
N ASN N 57 29.44 10.83 18.54
CA ASN N 57 28.29 10.70 19.44
C ASN N 57 26.93 10.90 18.75
N PRO N 58 25.90 10.23 19.28
CA PRO N 58 24.51 10.43 18.86
C PRO N 58 24.08 11.86 19.18
N THR N 59 23.06 12.39 18.51
CA THR N 59 22.25 11.66 17.55
C THR N 59 22.27 12.29 16.16
N TRP N 60 22.68 11.51 15.16
CA TRP N 60 22.76 12.00 13.80
C TRP N 60 21.59 11.53 12.94
N HIS N 61 21.35 12.25 11.85
CA HIS N 61 20.31 11.89 10.90
C HIS N 61 20.83 12.10 9.48
N CYS N 62 20.48 11.21 8.56
CA CYS N 62 21.01 11.32 7.21
C CYS N 62 19.97 11.08 6.13
N ILE N 63 19.98 11.93 5.11
CA ILE N 63 19.07 11.80 3.98
C ILE N 63 19.87 11.68 2.68
N VAL N 64 19.54 10.68 1.87
CA VAL N 64 20.24 10.45 0.62
C VAL N 64 19.23 10.31 -0.51
N GLY N 65 19.38 11.11 -1.56
CA GLY N 65 18.44 11.06 -2.66
C GLY N 65 18.71 12.08 -3.74
N ARG N 66 17.88 12.07 -4.78
CA ARG N 66 18.05 12.98 -5.90
C ARG N 66 16.97 14.07 -5.92
N ASN N 67 15.86 13.82 -5.25
CA ASN N 67 14.74 14.75 -5.25
C ASN N 67 14.08 14.84 -3.87
N PHE N 68 14.44 15.85 -3.09
CA PHE N 68 13.79 16.10 -1.81
C PHE N 68 14.00 17.52 -1.31
N GLY N 69 13.09 17.97 -0.45
CA GLY N 69 13.23 19.24 0.24
C GLY N 69 13.10 18.97 1.73
N SER N 70 13.72 19.82 2.55
CA SER N 70 13.76 19.55 3.98
C SER N 70 13.84 20.80 4.84
N TYR N 71 13.37 20.68 6.08
CA TYR N 71 13.55 21.71 7.09
C TYR N 71 13.86 21.07 8.43
N VAL N 72 15.10 21.20 8.89
CA VAL N 72 15.52 20.53 10.12
C VAL N 72 16.21 21.46 11.09
N THR N 73 16.30 21.02 12.35
CA THR N 73 17.02 21.75 13.38
C THR N 73 18.21 20.93 13.87
N HIS N 74 19.38 21.56 13.90
CA HIS N 74 20.61 20.87 14.25
C HIS N 74 21.39 21.58 15.33
N GLU N 75 22.24 20.83 16.02
CA GLU N 75 23.18 21.40 16.98
C GLU N 75 24.21 22.23 16.23
N THR N 76 24.71 23.29 16.88
CA THR N 76 25.70 24.16 16.27
C THR N 76 26.96 23.40 15.89
N LYS N 77 27.56 23.76 14.75
CA LYS N 77 28.78 23.12 14.26
C LYS N 77 28.57 21.65 13.96
N HIS N 78 27.33 21.27 13.64
CA HIS N 78 27.01 19.89 13.33
C HIS N 78 25.98 19.74 12.20
N PHE N 79 26.28 20.35 11.05
CA PHE N 79 25.38 20.26 9.91
C PHE N 79 26.14 20.36 8.60
N ILE N 80 25.82 19.48 7.66
CA ILE N 80 26.40 19.55 6.32
C ILE N 80 25.42 19.05 5.26
N TYR N 81 25.40 19.74 4.13
CA TYR N 81 24.57 19.34 2.99
C TYR N 81 25.36 19.47 1.70
N PHE N 82 25.54 18.35 1.00
CA PHE N 82 26.42 18.32 -0.16
C PHE N 82 25.98 17.28 -1.17
N TYR N 83 26.51 17.39 -2.38
CA TYR N 83 26.20 16.41 -3.42
C TYR N 83 27.44 15.56 -3.69
N LEU N 84 27.25 14.28 -3.94
CA LEU N 84 28.31 13.43 -4.48
C LEU N 84 27.91 12.88 -5.84
N GLY N 85 28.34 13.54 -6.91
CA GLY N 85 27.91 13.17 -8.24
C GLY N 85 26.44 13.50 -8.43
N GLN N 86 25.65 12.46 -8.67
CA GLN N 86 24.21 12.61 -8.92
C GLN N 86 23.39 12.42 -7.65
N VAL N 87 24.09 12.32 -6.52
CA VAL N 87 23.46 12.03 -5.24
C VAL N 87 23.53 13.21 -4.25
N ALA N 88 22.39 13.56 -3.65
CA ALA N 88 22.37 14.60 -2.63
C ALA N 88 22.43 13.98 -1.24
N ILE N 89 23.20 14.58 -0.33
CA ILE N 89 23.35 14.02 1.00
C ILE N 89 23.16 15.06 2.11
N LEU N 90 22.23 14.79 3.01
CA LEU N 90 21.98 15.65 4.16
C LEU N 90 22.40 14.98 5.45
N LEU N 91 23.23 15.66 6.24
CA LEU N 91 23.70 15.10 7.50
C LEU N 91 23.75 16.15 8.60
N PHE N 92 23.10 15.88 9.73
CA PHE N 92 23.07 16.81 10.85
C PHE N 92 22.86 16.08 12.16
N LYS N 93 23.21 16.75 13.26
CA LYS N 93 23.11 16.14 14.59
C LYS N 93 22.04 16.84 15.43
N SER N 94 21.12 16.05 15.98
CA SER N 94 20.06 16.59 16.81
C SER N 94 19.55 15.54 17.80
N VAL O 18 23.18 25.25 21.73
CA VAL O 18 22.47 26.08 20.78
C VAL O 18 21.96 25.26 19.61
N MET O 19 20.71 25.50 19.22
CA MET O 19 20.08 24.81 18.10
C MET O 19 19.85 25.78 16.95
N LYS O 20 20.01 25.30 15.72
CA LYS O 20 19.79 26.13 14.54
C LYS O 20 18.82 25.44 13.57
N SER O 21 17.85 26.20 13.06
CA SER O 21 16.92 25.66 12.07
C SER O 21 17.33 26.11 10.67
N VAL O 22 17.55 25.13 9.80
CA VAL O 22 18.04 25.39 8.45
C VAL O 22 17.23 24.57 7.44
N GLU O 23 17.21 25.04 6.19
CA GLU O 23 16.41 24.42 5.14
C GLU O 23 17.26 23.96 3.97
N CYS O 24 16.90 22.83 3.37
CA CYS O 24 17.65 22.28 2.26
C CYS O 24 16.70 21.90 1.13
N GLN O 25 17.17 22.04 -0.12
CA GLN O 25 16.35 21.68 -1.27
C GLN O 25 17.22 21.16 -2.40
N THR O 26 16.82 20.03 -2.99
CA THR O 26 17.58 19.45 -4.08
C THR O 26 17.49 20.26 -5.36
N GLU O 27 18.52 20.14 -6.20
CA GLU O 27 18.53 20.79 -7.50
C GLU O 27 17.73 19.98 -8.51
N PRO O 28 17.08 20.66 -9.46
CA PRO O 28 16.28 19.97 -10.49
C PRO O 28 17.15 19.22 -11.49
N VAL P 17 12.99 8.07 28.92
CA VAL P 17 12.92 8.57 27.55
C VAL P 17 13.62 7.59 26.61
N VAL P 18 12.83 6.91 25.79
CA VAL P 18 13.34 5.89 24.89
C VAL P 18 13.47 6.43 23.46
N MET P 19 14.58 6.11 22.81
CA MET P 19 14.82 6.55 21.43
C MET P 19 14.76 5.37 20.46
N LYS P 20 14.25 5.61 19.25
CA LYS P 20 14.18 4.58 18.23
C LYS P 20 14.81 5.03 16.92
N SER P 21 15.62 4.15 16.33
CA SER P 21 16.23 4.39 15.03
C SER P 21 15.46 3.66 13.94
N VAL P 22 15.01 4.41 12.94
CA VAL P 22 14.19 3.84 11.88
C VAL P 22 14.70 4.30 10.51
N GLU P 23 14.40 3.52 9.48
CA GLU P 23 14.89 3.80 8.15
C GLU P 23 13.73 3.95 7.16
N CYS P 24 13.86 4.87 6.23
CA CYS P 24 12.81 5.13 5.25
C CYS P 24 13.38 5.22 3.84
N GLN P 25 12.60 4.80 2.86
CA GLN P 25 13.02 4.85 1.46
C GLN P 25 11.85 5.10 0.53
N THR P 26 12.02 6.01 -0.41
CA THR P 26 10.95 6.32 -1.36
C THR P 26 10.72 5.16 -2.32
N GLU P 27 9.52 5.11 -2.88
CA GLU P 27 9.17 4.08 -3.85
C GLU P 27 9.79 4.39 -5.19
N PRO P 28 10.18 3.34 -5.94
CA PRO P 28 10.81 3.49 -7.26
C PRO P 28 9.82 3.99 -8.31
N LYS Q 11 2.08 -14.20 -20.45
CA LYS Q 11 2.40 -12.84 -20.04
C LYS Q 11 1.47 -12.36 -18.92
N ALA Q 12 2.07 -11.94 -17.81
CA ALA Q 12 1.31 -11.46 -16.65
C ALA Q 12 0.97 -9.97 -16.76
N VAL Q 13 -0.32 -9.65 -16.59
CA VAL Q 13 -0.77 -8.27 -16.63
C VAL Q 13 -1.65 -7.95 -15.42
N ILE Q 14 -1.14 -7.10 -14.54
CA ILE Q 14 -1.85 -6.74 -13.32
C ILE Q 14 -2.82 -5.57 -13.56
N LYS Q 15 -4.11 -5.84 -13.43
CA LYS Q 15 -5.13 -4.82 -13.66
C LYS Q 15 -5.35 -3.95 -12.43
N ASN Q 16 -5.49 -4.59 -11.27
CA ASN Q 16 -5.67 -3.88 -10.00
C ASN Q 16 -5.07 -4.65 -8.84
N ALA Q 17 -4.49 -3.95 -7.88
CA ALA Q 17 -3.85 -4.61 -6.75
C ALA Q 17 -3.73 -3.75 -5.50
N ASP Q 18 -4.09 -4.33 -4.35
CA ASP Q 18 -3.77 -3.77 -3.04
C ASP Q 18 -3.05 -4.85 -2.25
N MET Q 19 -1.74 -4.97 -2.48
CA MET Q 19 -0.95 -6.07 -1.92
C MET Q 19 0.55 -5.84 -2.09
N SER Q 20 1.37 -6.44 -1.22
CA SER Q 20 2.82 -6.30 -1.29
C SER Q 20 3.42 -6.96 -2.53
N ASP Q 21 4.58 -6.45 -2.96
CA ASP Q 21 5.23 -6.91 -4.18
C ASP Q 21 5.62 -8.39 -4.13
N ASP Q 22 6.08 -8.86 -2.98
CA ASP Q 22 6.42 -10.26 -2.83
C ASP Q 22 5.18 -11.12 -2.96
N MET Q 23 4.12 -10.71 -2.26
CA MET Q 23 2.85 -11.42 -2.31
C MET Q 23 2.23 -11.43 -3.72
N GLN Q 24 2.31 -10.29 -4.41
CA GLN Q 24 1.80 -10.19 -5.78
C GLN Q 24 2.49 -11.18 -6.70
N GLN Q 25 3.82 -11.22 -6.63
CA GLN Q 25 4.62 -12.13 -7.45
C GLN Q 25 4.27 -13.58 -7.11
N ASP Q 26 4.03 -13.83 -5.83
CA ASP Q 26 3.67 -15.17 -5.36
C ASP Q 26 2.32 -15.58 -5.92
N ALA Q 27 1.41 -14.63 -6.06
CA ALA Q 27 0.10 -14.89 -6.63
C ALA Q 27 0.21 -15.29 -8.10
N ILE Q 28 1.05 -14.57 -8.84
CA ILE Q 28 1.28 -14.86 -10.25
C ILE Q 28 1.93 -16.23 -10.44
N ASP Q 29 2.95 -16.52 -9.64
CA ASP Q 29 3.63 -17.81 -9.68
C ASP Q 29 2.66 -18.95 -9.36
N CYS Q 30 1.87 -18.77 -8.31
CA CYS Q 30 0.89 -19.76 -7.88
C CYS Q 30 -0.13 -20.06 -8.98
N ALA Q 31 -0.56 -19.01 -9.67
CA ALA Q 31 -1.49 -19.15 -10.78
C ALA Q 31 -0.80 -19.78 -12.00
N THR Q 32 0.48 -19.47 -12.18
CA THR Q 32 1.26 -20.01 -13.28
C THR Q 32 1.36 -21.52 -13.20
N GLN Q 33 1.57 -22.03 -11.99
CA GLN Q 33 1.61 -23.48 -11.74
C GLN Q 33 0.26 -24.13 -12.04
N ALA Q 34 -0.81 -23.46 -11.63
CA ALA Q 34 -2.16 -23.97 -11.82
C ALA Q 34 -2.48 -24.16 -13.30
N LEU Q 35 -2.08 -23.19 -14.10
CA LEU Q 35 -2.33 -23.23 -15.54
C LEU Q 35 -1.58 -24.37 -16.21
N GLU Q 36 -0.43 -24.72 -15.65
CA GLU Q 36 0.37 -25.81 -16.21
C GLU Q 36 -0.23 -27.18 -15.89
N LYS Q 37 -0.89 -27.28 -14.73
CA LYS Q 37 -1.46 -28.55 -14.27
C LYS Q 37 -2.91 -28.73 -14.71
N TYR Q 38 -3.69 -27.65 -14.65
CA TYR Q 38 -5.13 -27.74 -14.88
C TYR Q 38 -5.60 -26.89 -16.07
N ASN Q 39 -6.73 -27.28 -16.65
CA ASN Q 39 -7.36 -26.52 -17.73
C ASN Q 39 -8.70 -25.94 -17.33
N ILE Q 40 -9.34 -26.56 -16.33
CA ILE Q 40 -10.63 -26.09 -15.84
C ILE Q 40 -10.45 -24.98 -14.82
N GLU Q 41 -11.17 -23.87 -15.04
CA GLU Q 41 -11.06 -22.67 -14.22
C GLU Q 41 -11.32 -22.91 -12.74
N LYS Q 42 -12.30 -23.78 -12.43
CA LYS Q 42 -12.64 -24.11 -11.06
C LYS Q 42 -11.46 -24.75 -10.31
N ASP Q 43 -10.71 -25.60 -11.00
CA ASP Q 43 -9.58 -26.29 -10.41
C ASP Q 43 -8.41 -25.32 -10.21
N ILE Q 44 -8.24 -24.43 -11.19
CA ILE Q 44 -7.22 -23.39 -11.12
C ILE Q 44 -7.43 -22.49 -9.90
N ALA Q 45 -8.68 -22.09 -9.68
CA ALA Q 45 -9.02 -21.25 -8.54
C ALA Q 45 -8.84 -21.98 -7.21
N ALA Q 46 -9.19 -23.26 -7.20
CA ALA Q 46 -9.09 -24.07 -5.99
C ALA Q 46 -7.65 -24.17 -5.50
N TYR Q 47 -6.73 -24.41 -6.43
CA TYR Q 47 -5.31 -24.50 -6.12
C TYR Q 47 -4.79 -23.21 -5.49
N ILE Q 48 -5.10 -22.09 -6.13
CA ILE Q 48 -4.62 -20.78 -5.69
C ILE Q 48 -5.10 -20.45 -4.28
N LYS Q 49 -6.39 -20.68 -4.03
CA LYS Q 49 -6.99 -20.41 -2.72
C LYS Q 49 -6.29 -21.22 -1.64
N LYS Q 50 -6.17 -22.53 -1.87
CA LYS Q 50 -5.57 -23.45 -0.91
C LYS Q 50 -4.14 -23.05 -0.57
N GLU Q 51 -3.38 -22.65 -1.58
CA GLU Q 51 -1.99 -22.25 -1.41
C GLU Q 51 -1.82 -21.02 -0.53
N PHE Q 52 -2.68 -20.02 -0.73
CA PHE Q 52 -2.58 -18.78 0.03
C PHE Q 52 -3.14 -18.94 1.44
N ASP Q 53 -4.10 -19.86 1.60
CA ASP Q 53 -4.60 -20.20 2.93
C ASP Q 53 -3.51 -20.84 3.77
N LYS Q 54 -2.70 -21.67 3.13
CA LYS Q 54 -1.58 -22.33 3.79
C LYS Q 54 -0.44 -21.32 4.08
N LYS Q 55 -0.08 -20.54 3.07
CA LYS Q 55 1.04 -19.61 3.18
C LYS Q 55 0.75 -18.41 4.08
N TYR Q 56 -0.41 -17.78 3.88
CA TYR Q 56 -0.72 -16.52 4.55
C TYR Q 56 -2.00 -16.57 5.38
N ASN Q 57 -2.34 -17.76 5.88
CA ASN Q 57 -3.51 -17.97 6.75
C ASN Q 57 -4.85 -17.74 6.05
N PRO Q 58 -5.89 -18.46 6.49
CA PRO Q 58 -7.26 -18.23 6.02
C PRO Q 58 -7.73 -16.82 6.40
N THR Q 59 -8.73 -16.27 5.70
CA THR Q 59 -9.46 -16.97 4.64
C THR Q 59 -9.38 -16.25 3.30
N TRP Q 60 -8.91 -16.96 2.28
CA TRP Q 60 -8.76 -16.39 0.95
C TRP Q 60 -9.89 -16.85 0.02
N HIS Q 61 -10.10 -16.10 -1.05
CA HIS Q 61 -11.09 -16.44 -2.06
C HIS Q 61 -10.52 -16.16 -3.45
N CYS Q 62 -10.84 -17.03 -4.40
CA CYS Q 62 -10.27 -16.89 -5.74
C CYS Q 62 -11.28 -17.12 -6.85
N ILE Q 63 -11.25 -16.23 -7.84
CA ILE Q 63 -12.12 -16.33 -9.00
C ILE Q 63 -11.30 -16.40 -10.29
N VAL Q 64 -11.59 -17.39 -11.13
CA VAL Q 64 -10.85 -17.54 -12.38
C VAL Q 64 -11.79 -17.67 -13.57
N GLY Q 65 -11.63 -16.81 -14.56
CA GLY Q 65 -12.46 -16.83 -15.75
C GLY Q 65 -12.15 -15.68 -16.68
N ARG Q 66 -12.83 -15.65 -17.83
CA ARG Q 66 -12.59 -14.60 -18.82
C ARG Q 66 -13.73 -13.58 -18.94
N ASN Q 67 -14.91 -13.93 -18.43
CA ASN Q 67 -16.03 -13.00 -18.50
C ASN Q 67 -16.83 -12.99 -17.20
N PHE Q 68 -16.52 -12.02 -16.34
CA PHE Q 68 -17.25 -11.80 -15.10
C PHE Q 68 -17.01 -10.41 -14.52
N GLY Q 69 -17.94 -9.96 -13.69
CA GLY Q 69 -17.80 -8.73 -12.94
C GLY Q 69 -18.00 -9.03 -11.47
N SER Q 70 -17.41 -8.23 -10.59
CA SER Q 70 -17.42 -8.53 -9.17
C SER Q 70 -17.40 -7.31 -8.27
N TYR Q 71 -17.93 -7.47 -7.06
CA TYR Q 71 -17.82 -6.48 -5.99
C TYR Q 71 -17.60 -7.20 -4.68
N VAL Q 72 -16.39 -7.12 -4.14
CA VAL Q 72 -16.04 -7.86 -2.94
C VAL Q 72 -15.39 -6.97 -1.90
N THR Q 73 -15.36 -7.45 -0.66
CA THR Q 73 -14.67 -6.74 0.41
C THR Q 73 -13.50 -7.56 0.97
N HIS Q 74 -12.34 -6.93 1.05
CA HIS Q 74 -11.13 -7.61 1.48
C HIS Q 74 -10.43 -6.82 2.58
N GLU Q 75 -9.64 -7.52 3.40
CA GLU Q 75 -8.77 -6.83 4.35
C GLU Q 75 -7.65 -6.12 3.61
N THR Q 76 -7.15 -5.03 4.21
CA THR Q 76 -6.12 -4.20 3.58
C THR Q 76 -4.85 -4.97 3.23
N LYS Q 77 -4.27 -4.59 2.10
CA LYS Q 77 -3.03 -5.18 1.59
C LYS Q 77 -3.21 -6.68 1.33
N HIS Q 78 -4.43 -7.06 1.01
CA HIS Q 78 -4.74 -8.47 0.71
C HIS Q 78 -5.73 -8.62 -0.45
N PHE Q 79 -5.38 -8.03 -1.60
CA PHE Q 79 -6.20 -8.10 -2.79
C PHE Q 79 -5.38 -7.98 -4.08
N ILE Q 80 -5.66 -8.86 -5.05
CA ILE Q 80 -5.02 -8.75 -6.36
C ILE Q 80 -5.96 -9.25 -7.48
N TYR Q 81 -5.94 -8.54 -8.61
CA TYR Q 81 -6.71 -8.91 -9.79
C TYR Q 81 -5.87 -8.71 -11.05
N PHE Q 82 -5.63 -9.79 -11.78
CA PHE Q 82 -4.70 -9.75 -12.90
C PHE Q 82 -5.04 -10.74 -14.00
N TYR Q 83 -4.41 -10.58 -15.16
CA TYR Q 83 -4.56 -11.54 -16.25
C TYR Q 83 -3.29 -12.36 -16.43
N LEU Q 84 -3.47 -13.64 -16.77
CA LEU Q 84 -2.37 -14.46 -17.25
C LEU Q 84 -2.69 -14.90 -18.67
N GLY Q 85 -2.16 -14.19 -19.64
CA GLY Q 85 -2.55 -14.38 -21.03
C GLY Q 85 -3.98 -13.94 -21.23
N GLN Q 86 -4.83 -14.87 -21.64
CA GLN Q 86 -6.24 -14.56 -21.91
C GLN Q 86 -7.17 -14.88 -20.74
N VAL Q 87 -6.59 -15.24 -19.59
CA VAL Q 87 -7.37 -15.64 -18.43
C VAL Q 87 -7.27 -14.61 -17.30
N ALA Q 88 -8.42 -14.21 -16.77
CA ALA Q 88 -8.46 -13.25 -15.66
C ALA Q 88 -8.56 -13.96 -14.31
N ILE Q 89 -7.83 -13.47 -13.33
CA ILE Q 89 -7.78 -14.09 -12.00
C ILE Q 89 -7.97 -13.08 -10.87
N LEU Q 90 -8.96 -13.34 -10.02
CA LEU Q 90 -9.24 -12.50 -8.86
C LEU Q 90 -8.90 -13.22 -7.56
N LEU Q 91 -8.11 -12.58 -6.73
CA LEU Q 91 -7.69 -13.18 -5.47
C LEU Q 91 -7.68 -12.21 -4.29
N PHE Q 92 -8.39 -12.55 -3.23
CA PHE Q 92 -8.46 -11.68 -2.05
C PHE Q 92 -8.74 -12.46 -0.77
N LYS Q 93 -8.43 -11.83 0.35
CA LYS Q 93 -8.58 -12.43 1.68
C LYS Q 93 -9.67 -11.72 2.48
N SER Q 94 -10.60 -12.48 3.03
CA SER Q 94 -11.69 -11.91 3.81
C SER Q 94 -12.20 -12.89 4.87
N GLY Q 95 -11.85 -12.62 6.12
CA GLY Q 95 -12.17 -13.53 7.20
C GLY Q 95 -10.98 -14.40 7.58
N VAL R 8 -38.90 -8.51 -21.29
CA VAL R 8 -37.98 -9.63 -21.44
C VAL R 8 -37.93 -10.47 -20.16
N ASP R 9 -38.00 -11.78 -20.32
CA ASP R 9 -38.09 -12.71 -19.20
C ASP R 9 -36.77 -13.47 -18.99
N ARG R 10 -36.45 -13.78 -17.74
CA ARG R 10 -35.25 -14.52 -17.40
C ARG R 10 -35.54 -15.63 -16.40
N LYS R 11 -35.02 -16.83 -16.68
CA LYS R 11 -35.28 -18.00 -15.86
C LYS R 11 -34.29 -18.17 -14.70
N ALA R 12 -34.82 -18.29 -13.48
CA ALA R 12 -33.98 -18.49 -12.30
C ALA R 12 -33.70 -19.97 -12.06
N VAL R 13 -32.42 -20.33 -11.97
CA VAL R 13 -32.00 -21.71 -11.71
C VAL R 13 -30.95 -21.78 -10.61
N ILE R 14 -31.31 -22.34 -9.46
CA ILE R 14 -30.37 -22.42 -8.33
C ILE R 14 -29.47 -23.65 -8.48
N LYS R 15 -28.18 -23.42 -8.68
CA LYS R 15 -27.23 -24.50 -8.90
C LYS R 15 -26.76 -25.12 -7.59
N ASN R 16 -26.37 -24.27 -6.64
CA ASN R 16 -25.93 -24.74 -5.33
C ASN R 16 -26.29 -23.70 -4.27
N ALA R 17 -26.70 -24.17 -3.10
CA ALA R 17 -27.11 -23.26 -2.04
C ALA R 17 -27.02 -23.86 -0.65
N ASP R 18 -26.43 -23.09 0.26
CA ASP R 18 -26.50 -23.35 1.69
C ASP R 18 -27.04 -22.08 2.30
N MET R 19 -28.36 -21.94 2.30
CA MET R 19 -29.00 -20.69 2.65
C MET R 19 -30.49 -20.94 2.83
N SER R 20 -31.16 -20.11 3.64
CA SER R 20 -32.59 -20.26 3.88
C SER R 20 -33.39 -19.94 2.62
N ASP R 21 -34.58 -20.54 2.48
CA ASP R 21 -35.39 -20.38 1.27
C ASP R 21 -35.80 -18.95 0.95
N ASP R 22 -36.17 -18.17 1.96
CA ASP R 22 -36.54 -16.77 1.73
C ASP R 22 -35.35 -15.94 1.29
N MET R 23 -34.21 -16.14 1.96
CA MET R 23 -32.99 -15.43 1.61
C MET R 23 -32.62 -15.74 0.16
N GLN R 24 -32.81 -16.98 -0.23
CA GLN R 24 -32.58 -17.42 -1.61
C GLN R 24 -33.48 -16.66 -2.58
N GLN R 25 -34.76 -16.58 -2.26
CA GLN R 25 -35.73 -15.88 -3.10
C GLN R 25 -35.41 -14.39 -3.18
N ASP R 26 -34.96 -13.83 -2.06
CA ASP R 26 -34.62 -12.41 -2.01
C ASP R 26 -33.39 -12.13 -2.87
N ALA R 27 -32.47 -13.08 -2.91
CA ALA R 27 -31.28 -12.96 -3.73
C ALA R 27 -31.64 -12.90 -5.21
N ILE R 28 -32.59 -13.74 -5.61
CA ILE R 28 -33.06 -13.77 -6.99
C ILE R 28 -33.74 -12.46 -7.36
N ASP R 29 -34.61 -11.98 -6.47
CA ASP R 29 -35.30 -10.71 -6.66
C ASP R 29 -34.32 -9.54 -6.70
N CYS R 30 -33.41 -9.51 -5.74
CA CYS R 30 -32.40 -8.46 -5.65
C CYS R 30 -31.56 -8.41 -6.92
N ALA R 31 -31.22 -9.58 -7.44
CA ALA R 31 -30.47 -9.68 -8.68
C ALA R 31 -31.32 -9.27 -9.87
N THR R 32 -32.61 -9.58 -9.80
CA THR R 32 -33.56 -9.22 -10.86
C THR R 32 -33.66 -7.71 -11.04
N GLN R 33 -33.71 -7.00 -9.92
CA GLN R 33 -33.75 -5.54 -9.91
C GLN R 33 -32.50 -4.94 -10.53
N ALA R 34 -31.35 -5.52 -10.18
CA ALA R 34 -30.06 -5.04 -10.68
C ALA R 34 -29.99 -5.15 -12.19
N LEU R 35 -30.48 -6.26 -12.74
CA LEU R 35 -30.43 -6.48 -14.18
C LEU R 35 -31.26 -5.49 -14.98
N GLU R 36 -32.36 -5.03 -14.41
CA GLU R 36 -33.20 -4.04 -15.08
C GLU R 36 -32.57 -2.65 -15.01
N LYS R 37 -31.80 -2.41 -13.95
CA LYS R 37 -31.21 -1.10 -13.74
C LYS R 37 -29.85 -0.97 -14.41
N TYR R 38 -29.04 -2.02 -14.32
CA TYR R 38 -27.66 -1.94 -14.79
C TYR R 38 -27.36 -2.97 -15.87
N ASN R 39 -26.36 -2.66 -16.71
CA ASN R 39 -25.89 -3.56 -17.74
C ASN R 39 -24.45 -3.99 -17.47
N ILE R 40 -23.74 -3.23 -16.65
CA ILE R 40 -22.38 -3.59 -16.29
C ILE R 40 -22.47 -4.61 -15.18
N GLU R 41 -21.83 -5.75 -15.39
CA GLU R 41 -21.88 -6.90 -14.50
C GLU R 41 -21.43 -6.54 -13.08
N LYS R 42 -20.39 -5.72 -13.01
CA LYS R 42 -19.82 -5.25 -11.76
C LYS R 42 -20.79 -4.43 -10.92
N ASP R 43 -21.59 -3.61 -11.58
CA ASP R 43 -22.58 -2.78 -10.90
C ASP R 43 -23.74 -3.65 -10.42
N ILE R 44 -24.07 -4.64 -11.25
CA ILE R 44 -25.08 -5.63 -10.91
C ILE R 44 -24.67 -6.32 -9.62
N ALA R 45 -23.39 -6.70 -9.55
CA ALA R 45 -22.84 -7.36 -8.37
C ALA R 45 -22.79 -6.41 -7.16
N ALA R 46 -22.41 -5.17 -7.43
CA ALA R 46 -22.29 -4.15 -6.38
C ALA R 46 -23.63 -3.88 -5.72
N TYR R 47 -24.67 -3.77 -6.54
CA TYR R 47 -26.02 -3.54 -6.06
C TYR R 47 -26.44 -4.65 -5.12
N ILE R 48 -26.23 -5.89 -5.56
CA ILE R 48 -26.59 -7.08 -4.79
C ILE R 48 -25.84 -7.15 -3.47
N LYS R 49 -24.53 -6.93 -3.52
CA LYS R 49 -23.67 -6.99 -2.34
C LYS R 49 -24.10 -5.96 -1.29
N LYS R 50 -24.21 -4.70 -1.70
CA LYS R 50 -24.58 -3.62 -0.79
C LYS R 50 -25.95 -3.86 -0.18
N GLU R 51 -26.87 -4.34 -1.01
CA GLU R 51 -28.24 -4.59 -0.58
C GLU R 51 -28.25 -5.66 0.50
N PHE R 52 -27.42 -6.68 0.31
CA PHE R 52 -27.34 -7.79 1.24
C PHE R 52 -26.54 -7.45 2.51
N ASP R 53 -25.58 -6.55 2.38
CA ASP R 53 -24.86 -6.04 3.54
C ASP R 53 -25.81 -5.26 4.45
N LYS R 54 -26.71 -4.52 3.82
CA LYS R 54 -27.71 -3.75 4.56
C LYS R 54 -28.74 -4.69 5.17
N LYS R 55 -29.26 -5.60 4.35
CA LYS R 55 -30.31 -6.52 4.77
C LYS R 55 -29.84 -7.64 5.70
N TYR R 56 -28.75 -8.29 5.31
CA TYR R 56 -28.31 -9.53 5.97
C TYR R 56 -26.90 -9.51 6.55
N ASN R 57 -26.47 -8.34 7.03
CA ASN R 57 -25.17 -8.15 7.69
C ASN R 57 -23.98 -8.29 6.73
N PRO R 58 -22.90 -7.54 6.99
CA PRO R 58 -21.63 -7.75 6.30
C PRO R 58 -21.08 -9.13 6.66
N THR R 59 -20.22 -9.75 5.86
CA THR R 59 -19.66 -9.20 4.64
C THR R 59 -19.96 -10.09 3.44
N TRP R 60 -20.62 -9.54 2.42
CA TRP R 60 -20.98 -10.32 1.24
C TRP R 60 -20.07 -10.07 0.05
N HIS R 61 -20.06 -11.00 -0.88
CA HIS R 61 -19.27 -10.89 -2.11
C HIS R 61 -20.10 -11.40 -3.27
N CYS R 62 -19.98 -10.76 -4.43
CA CYS R 62 -20.82 -11.15 -5.56
C CYS R 62 -20.08 -11.20 -6.89
N ILE R 63 -20.31 -12.27 -7.65
CA ILE R 63 -19.72 -12.43 -8.97
C ILE R 63 -20.81 -12.59 -10.02
N VAL R 64 -20.72 -11.81 -11.09
CA VAL R 64 -21.70 -11.87 -12.16
C VAL R 64 -21.02 -11.98 -13.52
N GLY R 65 -21.39 -12.99 -14.30
CA GLY R 65 -20.76 -13.19 -15.60
C GLY R 65 -21.24 -14.43 -16.33
N ARG R 66 -20.70 -14.64 -17.54
CA ARG R 66 -21.09 -15.79 -18.36
C ARG R 66 -20.00 -16.86 -18.42
N ASN R 67 -18.76 -16.49 -18.11
CA ASN R 67 -17.66 -17.45 -18.14
C ASN R 67 -16.68 -17.22 -16.98
N PHE R 68 -16.82 -18.00 -15.91
CA PHE R 68 -15.87 -17.97 -14.81
C PHE R 68 -15.95 -19.23 -13.94
N GLY R 69 -14.85 -19.51 -13.23
CA GLY R 69 -14.80 -20.57 -12.24
C GLY R 69 -14.32 -20.00 -10.92
N SER R 70 -14.69 -20.64 -9.81
CA SER R 70 -14.38 -20.07 -8.50
C SER R 70 -14.19 -21.09 -7.39
N TYR R 71 -13.43 -20.69 -6.36
CA TYR R 71 -13.32 -21.45 -5.13
C TYR R 71 -13.31 -20.51 -3.94
N VAL R 72 -14.40 -20.49 -3.17
CA VAL R 72 -14.53 -19.56 -2.06
C VAL R 72 -14.97 -20.24 -0.76
N THR R 73 -14.77 -19.53 0.35
CA THR R 73 -15.22 -20.01 1.66
C THR R 73 -16.29 -19.07 2.21
N HIS R 74 -17.40 -19.65 2.67
CA HIS R 74 -18.53 -18.88 3.14
C HIS R 74 -18.98 -19.32 4.51
N GLU R 75 -19.66 -18.42 5.22
CA GLU R 75 -20.29 -18.78 6.48
C GLU R 75 -21.44 -19.73 6.20
N THR R 76 -21.70 -20.65 7.14
CA THR R 76 -22.77 -21.63 6.97
C THR R 76 -24.11 -20.91 6.83
N LYS R 77 -25.00 -21.47 6.01
CA LYS R 77 -26.31 -20.91 5.75
C LYS R 77 -26.24 -19.53 5.09
N HIS R 78 -25.14 -19.27 4.39
CA HIS R 78 -24.97 -18.00 3.69
C HIS R 78 -24.27 -18.11 2.33
N PHE R 79 -24.79 -18.96 1.45
CA PHE R 79 -24.20 -19.14 0.12
C PHE R 79 -25.24 -19.51 -0.93
N ILE R 80 -25.17 -18.86 -2.09
CA ILE R 80 -26.03 -19.21 -3.21
C ILE R 80 -25.34 -18.99 -4.55
N TYR R 81 -25.56 -19.90 -5.49
CA TYR R 81 -25.03 -19.78 -6.84
C TYR R 81 -26.10 -20.19 -7.84
N PHE R 82 -26.46 -19.26 -8.73
CA PHE R 82 -27.59 -19.48 -9.62
C PHE R 82 -27.45 -18.72 -10.94
N TYR R 83 -28.27 -19.10 -11.92
CA TYR R 83 -28.31 -18.41 -13.20
C TYR R 83 -29.60 -17.60 -13.34
N LEU R 84 -29.49 -16.43 -13.94
CA LEU R 84 -30.65 -15.65 -14.37
C LEU R 84 -30.63 -15.40 -15.88
N GLY R 85 -31.34 -16.22 -16.63
CA GLY R 85 -31.27 -16.15 -18.09
C GLY R 85 -29.92 -16.61 -18.62
N GLN R 86 -29.23 -15.70 -19.29
CA GLN R 86 -27.93 -15.99 -19.89
C GLN R 86 -26.79 -15.59 -18.95
N VAL R 87 -27.16 -15.16 -17.75
CA VAL R 87 -26.20 -14.66 -16.77
C VAL R 87 -26.06 -15.54 -15.54
N ALA R 88 -24.82 -15.84 -15.15
CA ALA R 88 -24.54 -16.61 -13.94
C ALA R 88 -24.25 -15.68 -12.78
N ILE R 89 -24.76 -16.00 -11.59
CA ILE R 89 -24.58 -15.14 -10.42
C ILE R 89 -24.12 -15.90 -9.18
N LEU R 90 -22.99 -15.47 -8.62
CA LEU R 90 -22.43 -16.04 -7.39
C LEU R 90 -22.53 -15.07 -6.22
N LEU R 91 -23.13 -15.51 -5.12
CA LEU R 91 -23.30 -14.66 -3.94
C LEU R 91 -23.06 -15.41 -2.64
N PHE R 92 -22.17 -14.89 -1.79
CA PHE R 92 -21.88 -15.55 -0.52
C PHE R 92 -21.38 -14.56 0.53
N LYS R 93 -21.46 -14.97 1.79
CA LYS R 93 -21.06 -14.14 2.93
C LYS R 93 -19.81 -14.69 3.60
N SER R 94 -18.81 -13.84 3.79
CA SER R 94 -17.57 -14.27 4.42
C SER R 94 -16.83 -13.11 5.10
N MET S 19 -17.99 -22.78 8.95
CA MET S 19 -17.54 -22.30 7.65
C MET S 19 -17.49 -23.44 6.63
N LYS S 20 -17.84 -23.15 5.39
CA LYS S 20 -17.79 -24.14 4.33
C LYS S 20 -17.02 -23.63 3.10
N SER S 21 -16.13 -24.47 2.58
CA SER S 21 -15.42 -24.14 1.34
C SER S 21 -16.07 -24.85 0.17
N VAL S 22 -16.51 -24.09 -0.82
CA VAL S 22 -17.23 -24.66 -1.95
C VAL S 22 -16.70 -24.06 -3.26
N GLU S 23 -16.89 -24.78 -4.36
CA GLU S 23 -16.37 -24.34 -5.66
C GLU S 23 -17.51 -24.23 -6.66
N CYS S 24 -17.39 -23.24 -7.55
CA CYS S 24 -18.42 -22.98 -8.54
C CYS S 24 -17.82 -22.84 -9.94
N GLN S 25 -18.57 -23.27 -10.96
CA GLN S 25 -18.11 -23.15 -12.33
C GLN S 25 -19.28 -22.93 -13.28
N THR S 26 -19.15 -21.95 -14.17
CA THR S 26 -20.20 -21.64 -15.13
C THR S 26 -20.35 -22.73 -16.18
N GLU S 27 -21.54 -22.80 -16.76
CA GLU S 27 -21.81 -23.75 -17.83
C GLU S 27 -21.28 -23.22 -19.17
N PRO S 28 -20.80 -24.11 -20.03
CA PRO S 28 -20.29 -23.71 -21.35
C PRO S 28 -21.39 -23.24 -22.29
N VAL T 17 -7.98 -3.51 12.43
CA VAL T 17 -8.29 -4.28 11.23
C VAL T 17 -9.19 -3.47 10.30
N VAL T 18 -8.62 -3.04 9.18
CA VAL T 18 -9.34 -2.20 8.23
C VAL T 18 -9.82 -3.02 7.04
N MET T 19 -11.06 -2.78 6.63
CA MET T 19 -11.65 -3.47 5.48
C MET T 19 -11.81 -2.51 4.31
N LYS T 20 -11.61 -3.03 3.10
CA LYS T 20 -11.79 -2.23 1.90
C LYS T 20 -12.72 -2.92 0.93
N SER T 21 -13.67 -2.17 0.38
CA SER T 21 -14.55 -2.71 -0.64
C SER T 21 -14.05 -2.26 -2.00
N VAL T 22 -13.75 -3.22 -2.85
CA VAL T 22 -13.22 -2.93 -4.18
C VAL T 22 -13.92 -3.82 -5.20
N GLU T 23 -14.00 -3.35 -6.44
CA GLU T 23 -14.73 -4.04 -7.51
C GLU T 23 -13.86 -4.31 -8.75
N CYS T 24 -14.12 -5.43 -9.43
CA CYS T 24 -13.34 -5.82 -10.61
C CYS T 24 -14.23 -6.20 -11.78
N GLN T 25 -13.75 -5.97 -12.99
CA GLN T 25 -14.51 -6.27 -14.20
C GLN T 25 -13.61 -6.77 -15.32
N THR T 26 -14.01 -7.86 -15.97
CA THR T 26 -13.22 -8.42 -17.07
C THR T 26 -13.23 -7.55 -18.32
N GLU T 27 -12.20 -7.73 -19.14
CA GLU T 27 -12.09 -6.99 -20.39
C GLU T 27 -13.01 -7.58 -21.45
N PRO T 28 -13.55 -6.73 -22.33
CA PRO T 28 -14.47 -7.12 -23.40
C PRO T 28 -13.75 -7.89 -24.51
C1 GOL U . -26.19 17.59 -2.47
O1 GOL U . -26.48 18.96 -2.71
C2 GOL U . -27.42 16.88 -1.93
O2 GOL U . -27.98 17.63 -0.87
C3 GOL U . -27.04 15.49 -1.45
O3 GOL U . -28.20 14.77 -1.10
C1 GOL V . -48.93 21.67 -15.77
O1 GOL V . -50.07 21.34 -15.00
C2 GOL V . -48.05 20.44 -15.90
O2 GOL V . -46.78 20.74 -15.40
C3 GOL V . -47.93 20.08 -17.37
O3 GOL V . -47.61 18.70 -17.48
C1 GOL W . 39.78 -35.23 -0.83
O1 GOL W . 38.59 -35.73 -0.25
C2 GOL W . 39.82 -35.57 -2.31
O2 GOL W . 40.08 -36.94 -2.48
C3 GOL W . 38.47 -35.23 -2.94
O3 GOL W . 38.44 -33.85 -3.23
#